data_2PI2
#
_entry.id   2PI2
#
_cell.length_a   81.485
_cell.length_b   139.826
_cell.length_c   171.842
_cell.angle_alpha   90.00
_cell.angle_beta   90.00
_cell.angle_gamma   90.00
#
_symmetry.space_group_name_H-M   'P 21 21 21'
#
loop_
_entity.id
_entity.type
_entity.pdbx_description
1 polymer 'Replication protein A 32 kDa subunit'
2 polymer 'Replication protein A 14 kDa subunit'
3 non-polymer '1,4-DIETHYLENE DIOXIDE'
4 water water
#
loop_
_entity_poly.entity_id
_entity_poly.type
_entity_poly.pdbx_seq_one_letter_code
_entity_poly.pdbx_strand_id
1 'polypeptide(L)'
;MWNSGFESYGSSSYGGAGGYTQSPGGFGSPAPSQAEKKSRARAQHIVPCTISQLLSATLVDEVFRIGNVEISQVTIVGII
RHAEKAPTNIVYKIDDMTAAPMDVRQWVDTDDTSSENTVVPPETYVKVAGHLRSFQNKKSLVAFKIMPLEDMNEFTTHIL
EVINAHMVLSKANSQPSAGRAPISNPGMSEAGNFGGNSFMPANGLTVAQNQVLNLIKACPRPEGLNFQDLKNQLKHMSVS
SIKQAVDFLSNEGHIYSTVDDDHFKSTDAE
;
A,B,C,D
2 'polypeptide(L)'
;MGHHHHHHHHHHSSGHIEGRHMVDMMDLPRSRINAGMLAQFIDKPVCFVGRLEKIHPTGKMFILSDGEGKNGTIELMEPL
DEEISGIVEVVGRVTAKATILCTSYVQFKEDSHPFDLGLYNEAVKIIHDFPQFYPLGIVQHD
;
E,F,G,H
#
loop_
_chem_comp.id
_chem_comp.type
_chem_comp.name
_chem_comp.formula
DIO non-polymer '1,4-DIETHYLENE DIOXIDE' 'C4 H8 O2'
#
# COMPACT_ATOMS: atom_id res chain seq x y z
N ALA A 41 29.46 21.60 -26.68
CA ALA A 41 29.44 21.31 -25.25
C ALA A 41 28.72 22.41 -24.47
N ARG A 42 27.76 22.11 -23.56
CA ARG A 42 27.23 20.77 -23.20
C ARG A 42 26.03 20.92 -22.21
N ALA A 43 24.98 20.12 -22.38
CA ALA A 43 23.74 20.25 -21.56
C ALA A 43 23.88 19.83 -20.08
N GLN A 44 23.32 20.63 -19.17
CA GLN A 44 23.42 20.34 -17.73
C GLN A 44 22.10 20.33 -16.92
N HIS A 45 21.60 19.14 -16.66
CA HIS A 45 20.28 18.99 -16.10
C HIS A 45 20.29 19.08 -14.58
N ILE A 46 19.16 19.48 -14.01
CA ILE A 46 18.95 19.39 -12.58
C ILE A 46 18.27 18.05 -12.35
N VAL A 47 19.04 17.06 -11.93
CA VAL A 47 18.55 15.71 -11.91
C VAL A 47 17.85 15.40 -10.59
N PRO A 48 16.60 14.97 -10.62
CA PRO A 48 15.95 14.58 -9.34
C PRO A 48 16.53 13.24 -8.86
N CYS A 49 16.88 13.19 -7.59
CA CYS A 49 17.58 12.04 -7.02
C CYS A 49 16.99 11.68 -5.65
N THR A 50 17.35 10.50 -5.17
CA THR A 50 17.16 10.16 -3.77
C THR A 50 18.48 10.42 -3.07
N ILE A 51 18.42 10.51 -1.75
CA ILE A 51 19.63 10.60 -0.95
C ILE A 51 20.51 9.37 -1.10
N SER A 52 19.90 8.18 -1.20
CA SER A 52 20.68 6.96 -1.37
C SER A 52 21.53 7.05 -2.66
N GLN A 53 20.98 7.67 -3.70
CA GLN A 53 21.75 7.92 -4.95
C GLN A 53 22.91 8.91 -4.75
N LEU A 54 22.66 9.99 -4.03
CA LEU A 54 23.68 10.98 -3.74
C LEU A 54 24.83 10.41 -2.91
N LEU A 55 24.50 9.56 -1.93
CA LEU A 55 25.48 8.94 -1.05
C LEU A 55 26.34 7.91 -1.77
N SER A 56 25.72 7.25 -2.75
CA SER A 56 26.38 6.24 -3.56
C SER A 56 27.19 6.77 -4.75
N ALA A 57 26.97 8.04 -5.11
CA ALA A 57 27.66 8.65 -6.26
C ALA A 57 29.19 8.60 -6.06
N THR A 58 29.92 8.31 -7.13
CA THR A 58 31.39 8.32 -7.06
C THR A 58 31.96 9.32 -8.07
N LEU A 59 33.08 9.93 -7.72
CA LEU A 59 33.71 10.91 -8.58
C LEU A 59 34.38 10.15 -9.71
N VAL A 60 33.93 10.40 -10.94
CA VAL A 60 34.54 9.79 -12.13
C VAL A 60 34.91 10.91 -13.10
N ASP A 61 36.20 10.98 -13.42
CA ASP A 61 36.77 12.06 -14.25
C ASP A 61 36.31 13.43 -13.75
N GLU A 62 36.44 13.62 -12.44
CA GLU A 62 36.14 14.88 -11.71
C GLU A 62 34.67 15.29 -11.61
N VAL A 63 33.76 14.39 -12.01
CA VAL A 63 32.31 14.65 -11.94
C VAL A 63 31.61 13.51 -11.21
N PHE A 64 30.63 13.83 -10.36
CA PHE A 64 29.88 12.77 -9.65
C PHE A 64 29.00 11.99 -10.60
N ARG A 65 28.94 10.68 -10.39
CA ARG A 65 28.16 9.82 -11.25
C ARG A 65 27.46 8.78 -10.38
N ILE A 66 26.17 8.57 -10.62
CA ILE A 66 25.46 7.45 -10.00
C ILE A 66 24.98 6.55 -11.13
N GLY A 67 25.42 5.30 -11.09
CA GLY A 67 25.31 4.43 -12.25
C GLY A 67 26.12 5.09 -13.35
N ASN A 68 25.52 5.20 -14.54
CA ASN A 68 26.17 5.93 -15.61
C ASN A 68 25.60 7.34 -15.80
N VAL A 69 24.85 7.82 -14.81
CA VAL A 69 24.23 9.15 -14.85
C VAL A 69 25.09 10.17 -14.11
N GLU A 70 25.50 11.22 -14.82
CA GLU A 70 26.25 12.29 -14.18
C GLU A 70 25.36 13.25 -13.44
N ILE A 71 25.76 13.59 -12.22
CA ILE A 71 25.02 14.51 -11.39
C ILE A 71 25.94 15.58 -10.84
N SER A 72 25.47 16.82 -10.90
CA SER A 72 26.15 17.89 -10.24
C SER A 72 25.08 18.68 -9.53
N GLN A 73 24.13 19.18 -10.32
CA GLN A 73 22.92 19.84 -9.81
C GLN A 73 21.79 18.84 -9.71
N VAL A 74 21.13 18.83 -8.56
CA VAL A 74 20.15 17.80 -8.25
C VAL A 74 19.00 18.40 -7.47
N THR A 75 17.87 17.70 -7.47
CA THR A 75 16.78 18.00 -6.54
C THR A 75 16.49 16.77 -5.68
N ILE A 76 16.15 17.05 -4.43
CA ILE A 76 15.65 16.02 -3.51
C ILE A 76 14.40 16.55 -2.82
N VAL A 77 13.59 15.61 -2.34
CA VAL A 77 12.42 15.96 -1.52
C VAL A 77 12.53 15.14 -0.24
N GLY A 78 12.44 15.82 0.90
CA GLY A 78 12.49 15.13 2.18
C GLY A 78 12.01 15.98 3.32
N ILE A 79 12.10 15.42 4.51
CA ILE A 79 11.58 16.11 5.66
C ILE A 79 12.71 16.65 6.54
N ILE A 80 12.56 17.88 7.00
CA ILE A 80 13.55 18.47 7.88
C ILE A 80 13.50 17.79 9.23
N ARG A 81 14.63 17.21 9.61
CA ARG A 81 14.77 16.51 10.88
C ARG A 81 15.45 17.40 11.89
N HIS A 82 16.27 18.33 11.40
CA HIS A 82 17.08 19.20 12.25
C HIS A 82 17.47 20.46 11.47
N ALA A 83 17.58 21.57 12.19
CA ALA A 83 18.03 22.82 11.60
C ALA A 83 19.07 23.44 12.52
N GLU A 84 20.23 23.73 11.95
CA GLU A 84 21.36 24.25 12.70
C GLU A 84 21.63 25.68 12.21
N LYS A 85 21.23 26.64 13.03
CA LYS A 85 21.31 28.05 12.65
C LYS A 85 22.66 28.65 13.06
N ALA A 86 23.35 29.22 12.07
CA ALA A 86 24.58 29.97 12.27
C ALA A 86 24.37 31.32 11.57
N PRO A 87 25.26 32.30 11.80
CA PRO A 87 24.95 33.65 11.26
C PRO A 87 25.07 33.73 9.74
N THR A 88 25.99 32.95 9.17
CA THR A 88 26.27 32.95 7.74
C THR A 88 25.51 31.86 6.95
N ASN A 89 25.03 30.84 7.65
CA ASN A 89 24.32 29.71 7.01
C ASN A 89 23.37 28.96 7.93
N ILE A 90 22.41 28.27 7.33
CA ILE A 90 21.63 27.23 8.01
C ILE A 90 22.02 25.86 7.44
N VAL A 91 22.24 24.88 8.32
CA VAL A 91 22.45 23.50 7.92
C VAL A 91 21.27 22.64 8.38
N TYR A 92 20.56 22.08 7.41
CA TYR A 92 19.44 21.16 7.68
C TYR A 92 19.87 19.71 7.51
N LYS A 93 19.35 18.83 8.38
CA LYS A 93 19.38 17.38 8.17
C LYS A 93 18.07 17.03 7.45
N ILE A 94 18.18 16.59 6.20
CA ILE A 94 16.97 16.30 5.41
C ILE A 94 16.85 14.81 5.14
N ASP A 95 15.65 14.28 5.35
CA ASP A 95 15.43 12.84 5.34
C ASP A 95 14.41 12.45 4.29
N ASP A 96 14.79 11.55 3.38
CA ASP A 96 13.83 11.05 2.37
C ASP A 96 13.55 9.57 2.46
N MET A 97 13.90 8.98 3.61
CA MET A 97 13.65 7.57 3.94
C MET A 97 14.63 6.60 3.29
N THR A 98 15.32 7.02 2.24
CA THR A 98 16.13 6.09 1.44
C THR A 98 17.46 5.76 2.08
N ALA A 99 17.91 6.61 3.00
CA ALA A 99 19.15 6.41 3.75
C ALA A 99 19.05 7.27 5.00
N ALA A 100 20.16 7.42 5.74
CA ALA A 100 20.23 8.40 6.83
C ALA A 100 20.03 9.82 6.29
N PRO A 101 19.57 10.76 7.14
CA PRO A 101 19.39 12.12 6.67
C PRO A 101 20.66 12.71 6.08
N MET A 102 20.53 13.55 5.07
CA MET A 102 21.69 14.21 4.49
C MET A 102 21.81 15.67 4.97
N ASP A 103 23.04 16.13 5.19
CA ASP A 103 23.30 17.57 5.44
C ASP A 103 23.04 18.44 4.20
N VAL A 104 22.22 19.47 4.37
CA VAL A 104 21.94 20.43 3.30
C VAL A 104 22.24 21.83 3.84
N ARG A 105 23.16 22.53 3.18
CA ARG A 105 23.63 23.82 3.64
C ARG A 105 23.03 24.96 2.81
N GLN A 106 22.42 25.92 3.50
CA GLN A 106 21.90 27.12 2.83
C GLN A 106 22.51 28.42 3.35
N TRP A 107 22.90 29.27 2.41
CA TRP A 107 23.56 30.55 2.67
C TRP A 107 22.59 31.62 3.19
N VAL A 108 22.97 32.26 4.29
CA VAL A 108 22.22 33.39 4.88
C VAL A 108 22.84 34.72 4.40
N ASP A 109 22.15 35.84 4.62
CA ASP A 109 22.71 37.17 4.34
C ASP A 109 23.77 37.56 5.37
N ASN A 117 13.42 35.40 4.86
CA ASN A 117 12.88 34.11 5.28
C ASN A 117 13.61 33.51 6.49
N THR A 118 12.84 32.93 7.40
CA THR A 118 13.37 32.27 8.59
C THR A 118 13.62 30.77 8.33
N VAL A 119 14.29 30.13 9.27
CA VAL A 119 14.50 28.68 9.27
C VAL A 119 13.18 27.94 8.99
N VAL A 120 13.21 27.00 8.05
CA VAL A 120 12.05 26.13 7.83
C VAL A 120 11.93 25.20 9.04
N PRO A 121 10.74 25.17 9.69
CA PRO A 121 10.54 24.36 10.90
C PRO A 121 10.75 22.86 10.67
N PRO A 122 11.21 22.12 11.70
CA PRO A 122 11.33 20.66 11.62
C PRO A 122 9.98 19.99 11.38
N GLU A 123 10.05 18.76 10.86
CA GLU A 123 8.90 18.00 10.39
C GLU A 123 8.18 18.63 9.17
N THR A 124 8.87 19.53 8.47
CA THR A 124 8.33 20.09 7.24
C THR A 124 8.95 19.37 6.03
N TYR A 125 8.10 18.94 5.09
CA TYR A 125 8.56 18.48 3.77
C TYR A 125 8.96 19.68 2.92
N VAL A 126 10.17 19.57 2.33
CA VAL A 126 10.73 20.56 1.42
C VAL A 126 11.22 19.89 0.11
N LYS A 127 11.22 20.67 -0.97
CA LYS A 127 12.02 20.34 -2.15
C LYS A 127 13.29 21.18 -2.09
N VAL A 128 14.43 20.51 -2.27
CA VAL A 128 15.73 21.17 -2.28
C VAL A 128 16.33 21.07 -3.68
N ALA A 129 16.86 22.17 -4.20
CA ALA A 129 17.69 22.07 -5.39
C ALA A 129 19.07 22.52 -4.97
N GLY A 130 20.10 21.77 -5.37
CA GLY A 130 21.45 22.07 -4.93
C GLY A 130 22.59 21.42 -5.69
N HIS A 131 23.81 21.75 -5.27
CA HIS A 131 25.02 21.16 -5.83
C HIS A 131 25.53 20.10 -4.88
N LEU A 132 25.78 18.91 -5.40
CA LEU A 132 26.32 17.82 -4.63
C LEU A 132 27.81 18.02 -4.35
N ARG A 133 28.17 17.96 -3.06
CA ARG A 133 29.54 18.12 -2.61
C ARG A 133 29.95 16.91 -1.80
N SER A 134 31.26 16.67 -1.76
CA SER A 134 31.84 15.78 -0.78
C SER A 134 33.09 16.44 -0.26
N PHE A 135 32.96 17.12 0.88
CA PHE A 135 34.08 17.77 1.54
C PHE A 135 34.61 16.88 2.66
N GLN A 136 35.85 16.41 2.50
CA GLN A 136 36.47 15.49 3.46
C GLN A 136 35.74 14.16 3.47
N ASN A 137 35.48 13.63 2.27
CA ASN A 137 34.75 12.38 2.06
C ASN A 137 33.35 12.28 2.74
N LYS A 138 32.77 13.43 3.09
CA LYS A 138 31.43 13.47 3.65
C LYS A 138 30.48 14.18 2.68
N LYS A 139 29.48 13.46 2.18
CA LYS A 139 28.52 14.00 1.22
C LYS A 139 27.59 15.05 1.83
N SER A 140 27.30 16.08 1.04
CA SER A 140 26.40 17.15 1.44
C SER A 140 25.83 17.82 0.21
N LEU A 141 24.76 18.58 0.41
CA LEU A 141 24.22 19.42 -0.64
C LEU A 141 24.44 20.87 -0.28
N VAL A 142 24.75 21.68 -1.29
CA VAL A 142 24.74 23.13 -1.13
C VAL A 142 23.53 23.64 -1.90
N ALA A 143 22.53 24.10 -1.15
CA ALA A 143 21.23 24.44 -1.71
C ALA A 143 21.19 25.84 -2.33
N PHE A 144 20.73 25.92 -3.57
CA PHE A 144 20.32 27.21 -4.15
C PHE A 144 18.80 27.45 -4.08
N LYS A 145 18.03 26.41 -3.80
CA LYS A 145 16.59 26.55 -3.54
C LYS A 145 16.14 25.60 -2.43
N ILE A 146 15.42 26.13 -1.43
CA ILE A 146 14.69 25.30 -0.46
C ILE A 146 13.25 25.78 -0.33
N MET A 147 12.31 24.96 -0.78
CA MET A 147 10.89 25.34 -0.80
C MET A 147 10.02 24.34 -0.04
N PRO A 148 9.39 24.78 1.08
CA PRO A 148 8.40 23.95 1.75
C PRO A 148 7.31 23.53 0.79
N LEU A 149 6.84 22.30 0.92
CA LEU A 149 5.77 21.76 0.08
C LEU A 149 4.41 22.11 0.65
N GLU A 150 3.57 22.74 -0.16
CA GLU A 150 2.17 22.97 0.22
C GLU A 150 1.27 21.91 -0.37
N ASP A 151 1.64 21.39 -1.53
CA ASP A 151 0.90 20.31 -2.16
C ASP A 151 1.75 19.03 -2.11
N MET A 152 1.32 18.06 -1.30
CA MET A 152 2.09 16.83 -1.13
C MET A 152 2.08 15.90 -2.35
N ASN A 153 1.25 16.21 -3.34
CA ASN A 153 1.35 15.51 -4.63
C ASN A 153 2.68 15.80 -5.34
N GLU A 154 3.32 16.90 -4.99
CA GLU A 154 4.63 17.24 -5.52
C GLU A 154 5.69 16.27 -5.01
N PHE A 155 5.46 15.73 -3.82
CA PHE A 155 6.31 14.70 -3.24
C PHE A 155 6.15 13.37 -4.02
N THR A 156 4.93 12.94 -4.28
CA THR A 156 4.67 11.75 -5.09
C THR A 156 5.28 11.88 -6.51
N THR A 157 5.10 13.06 -7.09
CA THR A 157 5.63 13.39 -8.44
C THR A 157 7.15 13.30 -8.49
N HIS A 158 7.81 13.76 -7.44
CA HIS A 158 9.26 13.66 -7.37
C HIS A 158 9.76 12.21 -7.43
N ILE A 159 9.07 11.31 -6.73
CA ILE A 159 9.41 9.88 -6.73
C ILE A 159 9.36 9.36 -8.15
N LEU A 160 8.25 9.67 -8.83
CA LEU A 160 8.07 9.29 -10.22
C LEU A 160 9.17 9.88 -11.10
N GLU A 161 9.50 11.16 -10.89
CA GLU A 161 10.52 11.88 -11.65
C GLU A 161 11.92 11.32 -11.48
N VAL A 162 12.26 10.95 -10.24
CA VAL A 162 13.55 10.31 -9.94
C VAL A 162 13.74 9.07 -10.80
N ILE A 163 12.74 8.21 -10.77
CA ILE A 163 12.82 6.93 -11.43
C ILE A 163 12.83 7.11 -12.95
N ASN A 164 11.99 8.00 -13.44
CA ASN A 164 11.93 8.20 -14.90
C ASN A 164 13.18 8.91 -15.45
N ALA A 165 13.66 9.92 -14.71
CA ALA A 165 14.87 10.64 -15.07
C ALA A 165 16.09 9.71 -15.11
N HIS A 166 16.26 8.88 -14.08
CA HIS A 166 17.38 7.95 -14.04
C HIS A 166 17.32 6.85 -15.10
N MET A 167 16.11 6.36 -15.36
CA MET A 167 15.90 5.39 -16.41
C MET A 167 16.29 5.97 -17.77
N VAL A 168 15.78 7.15 -18.09
CA VAL A 168 16.02 7.75 -19.41
C VAL A 168 17.45 8.29 -19.58
N LEU A 169 18.00 8.94 -18.55
CA LEU A 169 19.39 9.40 -18.59
C LEU A 169 20.41 8.26 -18.70
N SER A 170 20.15 7.15 -18.02
CA SER A 170 21.05 6.00 -18.12
C SER A 170 21.04 5.41 -19.54
N LYS A 171 19.86 5.27 -20.14
CA LYS A 171 19.72 4.85 -21.54
C LYS A 171 20.42 5.78 -22.54
N ALA A 172 20.34 7.09 -22.32
CA ALA A 172 20.99 8.05 -23.21
C ALA A 172 22.51 7.92 -23.14
N ASN A 173 23.02 7.66 -21.94
CA ASN A 173 24.45 7.52 -21.67
C ASN A 173 25.02 6.15 -22.01
N SER A 174 24.16 5.22 -22.43
CA SER A 174 24.59 3.86 -22.72
C SER A 174 24.06 3.34 -24.06
N GLN A 175 24.91 3.24 -25.09
CA GLN A 175 26.36 3.56 -25.07
C GLN A 175 27.20 2.61 -24.17
N PRO A 176 28.42 3.02 -23.72
CA PRO A 176 29.12 2.13 -22.78
C PRO A 176 28.65 2.32 -21.32
N ARG B 42 -10.96 13.48 -5.43
CA ARG B 42 -10.82 14.87 -4.89
C ARG B 42 -9.53 15.54 -5.34
N ALA B 43 -8.46 14.75 -5.46
CA ALA B 43 -7.19 15.28 -5.93
C ALA B 43 -7.31 15.61 -7.43
N GLN B 44 -6.91 16.81 -7.81
CA GLN B 44 -6.90 17.17 -9.23
C GLN B 44 -5.58 17.72 -9.77
N HIS B 45 -5.05 16.98 -10.72
CA HIS B 45 -3.70 17.18 -11.22
C HIS B 45 -3.74 18.08 -12.44
N ILE B 46 -2.65 18.81 -12.65
CA ILE B 46 -2.41 19.46 -13.93
C ILE B 46 -1.68 18.44 -14.78
N VAL B 47 -2.41 17.84 -15.72
CA VAL B 47 -1.90 16.68 -16.42
C VAL B 47 -1.25 17.13 -17.74
N PRO B 48 0.04 16.77 -17.95
CA PRO B 48 0.66 17.10 -19.27
C PRO B 48 0.12 16.26 -20.40
N CYS B 49 -0.22 16.91 -21.52
CA CYS B 49 -0.86 16.24 -22.62
C CYS B 49 -0.28 16.67 -23.97
N THR B 50 -0.57 15.87 -24.99
CA THR B 50 -0.42 16.31 -26.38
C THR B 50 -1.78 16.87 -26.86
N ILE B 51 -1.73 17.75 -27.86
CA ILE B 51 -2.97 18.19 -28.51
C ILE B 51 -3.79 17.02 -29.03
N SER B 52 -3.13 16.01 -29.61
CA SER B 52 -3.82 14.79 -30.06
C SER B 52 -4.66 14.10 -28.97
N GLN B 53 -4.12 14.05 -27.76
CA GLN B 53 -4.87 13.57 -26.59
C GLN B 53 -6.08 14.46 -26.30
N LEU B 54 -5.88 15.78 -26.28
CA LEU B 54 -6.99 16.70 -26.00
C LEU B 54 -8.15 16.52 -27.01
N LEU B 55 -7.79 16.38 -28.28
CA LEU B 55 -8.77 16.17 -29.34
C LEU B 55 -9.52 14.87 -29.24
N SER B 56 -8.90 13.86 -28.65
CA SER B 56 -9.53 12.57 -28.50
C SER B 56 -10.31 12.44 -27.16
N ALA B 57 -10.33 13.50 -26.36
CA ALA B 57 -11.00 13.44 -25.05
C ALA B 57 -12.50 13.16 -25.17
N THR B 58 -12.99 12.25 -24.32
CA THR B 58 -14.42 11.97 -24.17
C THR B 58 -15.01 12.89 -23.11
N LEU B 59 -16.24 13.33 -23.31
CA LEU B 59 -16.96 14.10 -22.31
C LEU B 59 -18.19 13.33 -21.86
N VAL B 60 -18.42 13.27 -20.54
CA VAL B 60 -19.56 12.52 -19.97
C VAL B 60 -20.33 13.22 -18.83
N ASP B 61 -19.64 13.54 -17.74
CA ASP B 61 -20.24 13.76 -16.45
C ASP B 61 -20.92 15.11 -16.14
N GLU B 62 -20.38 16.24 -16.54
CA GLU B 62 -19.46 16.38 -17.66
C GLU B 62 -17.99 16.41 -17.22
N VAL B 63 -17.32 15.27 -17.34
CA VAL B 63 -15.87 15.23 -17.15
C VAL B 63 -15.18 14.74 -18.42
N PHE B 64 -14.06 15.37 -18.76
CA PHE B 64 -13.28 14.95 -19.91
C PHE B 64 -12.42 13.76 -19.50
N ARG B 65 -12.30 12.79 -20.38
CA ARG B 65 -11.45 11.67 -20.14
C ARG B 65 -10.63 11.35 -21.35
N ILE B 66 -9.35 11.18 -21.15
CA ILE B 66 -8.48 10.68 -22.18
C ILE B 66 -8.07 9.28 -21.82
N GLY B 67 -8.60 8.29 -22.50
CA GLY B 67 -8.62 6.93 -22.01
C GLY B 67 -9.40 6.83 -20.72
N ASN B 68 -8.81 6.27 -19.69
CA ASN B 68 -9.46 6.28 -18.41
C ASN B 68 -9.11 7.45 -17.54
N VAL B 69 -8.26 8.33 -18.04
CA VAL B 69 -7.70 9.38 -17.25
C VAL B 69 -8.53 10.62 -17.32
N GLU B 70 -9.02 11.06 -16.18
CA GLU B 70 -9.83 12.24 -16.09
C GLU B 70 -9.00 13.50 -16.23
N ILE B 71 -9.51 14.44 -17.00
CA ILE B 71 -8.71 15.60 -17.38
C ILE B 71 -9.48 16.90 -17.33
N SER B 72 -8.90 17.90 -16.68
CA SER B 72 -9.49 19.23 -16.67
C SER B 72 -8.42 20.26 -16.94
N GLN B 73 -7.50 20.42 -16.00
CA GLN B 73 -6.36 21.31 -16.13
C GLN B 73 -5.22 20.53 -16.73
N VAL B 74 -4.67 21.09 -17.82
CA VAL B 74 -3.65 20.40 -18.59
C VAL B 74 -2.51 21.36 -18.89
N THR B 75 -1.37 20.80 -19.26
CA THR B 75 -0.30 21.62 -19.86
C THR B 75 0.00 21.05 -21.24
N ILE B 76 0.25 21.94 -22.18
CA ILE B 76 0.79 21.52 -23.45
C ILE B 76 2.05 22.32 -23.73
N VAL B 77 2.85 21.84 -24.68
CA VAL B 77 4.02 22.59 -25.14
C VAL B 77 3.95 22.60 -26.66
N GLY B 78 4.07 23.79 -27.24
CA GLY B 78 4.00 23.83 -28.70
C GLY B 78 4.50 25.14 -29.22
N ILE B 79 4.43 25.29 -30.53
CA ILE B 79 4.95 26.52 -31.12
C ILE B 79 3.77 27.40 -31.56
N ILE B 80 3.88 28.70 -31.34
CA ILE B 80 2.84 29.62 -31.77
C ILE B 80 2.86 29.76 -33.29
N ARG B 81 1.76 29.40 -33.94
CA ARG B 81 1.65 29.52 -35.39
C ARG B 81 0.98 30.83 -35.80
N HIS B 82 0.13 31.35 -34.91
CA HIS B 82 -0.67 32.56 -35.17
C HIS B 82 -1.11 33.14 -33.83
N ALA B 83 -1.15 34.48 -33.77
CA ALA B 83 -1.70 35.19 -32.62
C ALA B 83 -2.67 36.27 -33.10
N GLU B 84 -3.85 36.29 -32.50
CA GLU B 84 -4.92 37.23 -32.82
C GLU B 84 -5.19 38.06 -31.57
N LYS B 85 -4.61 39.25 -31.52
CA LYS B 85 -4.76 40.15 -30.39
C LYS B 85 -6.05 40.98 -30.49
N ALA B 86 -6.77 41.05 -29.38
CA ALA B 86 -7.98 41.87 -29.26
C ALA B 86 -7.93 42.55 -27.90
N PRO B 87 -8.71 43.63 -27.72
CA PRO B 87 -8.67 44.34 -26.43
C PRO B 87 -8.84 43.48 -25.17
N THR B 88 -9.66 42.42 -25.24
CA THR B 88 -9.95 41.64 -24.03
C THR B 88 -9.29 40.25 -24.00
N ASN B 89 -8.70 39.75 -25.02
CA ASN B 89 -8.10 38.42 -25.13
C ASN B 89 -7.06 38.33 -26.24
N ILE B 90 -6.29 37.25 -26.21
CA ILE B 90 -5.47 36.77 -27.32
C ILE B 90 -5.87 35.32 -27.60
N VAL B 91 -6.09 35.01 -28.86
CA VAL B 91 -6.26 33.61 -29.28
C VAL B 91 -4.99 33.20 -30.00
N TYR B 92 -4.31 32.20 -29.47
CA TYR B 92 -3.13 31.62 -30.13
C TYR B 92 -3.53 30.34 -30.85
N LYS B 93 -2.89 30.08 -31.99
CA LYS B 93 -2.89 28.75 -32.57
C LYS B 93 -1.57 28.10 -32.21
N ILE B 94 -1.64 27.04 -31.39
CA ILE B 94 -0.45 26.37 -30.83
C ILE B 94 -0.31 24.96 -31.38
N ASP B 95 0.90 24.65 -31.85
CA ASP B 95 1.16 23.43 -32.62
C ASP B 95 2.21 22.58 -31.92
N ASP B 96 1.82 21.35 -31.58
CA ASP B 96 2.79 20.42 -30.98
C ASP B 96 3.13 19.23 -31.90
N MET B 97 2.73 19.33 -33.17
CA MET B 97 3.04 18.36 -34.24
C MET B 97 2.13 17.17 -34.21
N THR B 98 1.44 16.93 -33.09
CA THR B 98 0.69 15.70 -32.95
C THR B 98 -0.65 15.72 -33.69
N ALA B 99 -1.11 16.91 -34.04
CA ALA B 99 -2.36 17.08 -34.77
C ALA B 99 -2.31 18.46 -35.39
N ALA B 100 -3.43 18.97 -35.92
CA ALA B 100 -3.49 20.39 -36.35
C ALA B 100 -3.33 21.31 -35.14
N PRO B 101 -2.91 22.58 -35.35
CA PRO B 101 -2.81 23.49 -34.21
C PRO B 101 -4.15 23.62 -33.46
N MET B 102 -4.06 23.80 -32.14
CA MET B 102 -5.25 24.02 -31.31
C MET B 102 -5.39 25.48 -30.91
N ASP B 103 -6.64 25.96 -30.87
CA ASP B 103 -6.96 27.31 -30.34
C ASP B 103 -6.75 27.40 -28.83
N VAL B 104 -5.96 28.39 -28.42
CA VAL B 104 -5.72 28.65 -27.02
C VAL B 104 -6.13 30.10 -26.75
N ARG B 105 -7.11 30.30 -25.86
CA ARG B 105 -7.56 31.66 -25.58
C ARG B 105 -7.08 32.13 -24.23
N GLN B 106 -6.52 33.33 -24.22
CA GLN B 106 -6.08 33.94 -22.99
C GLN B 106 -6.83 35.25 -22.80
N TRP B 107 -7.62 35.31 -21.73
CA TRP B 107 -8.35 36.53 -21.38
C TRP B 107 -7.42 37.50 -20.69
N VAL B 108 -7.42 38.75 -21.16
CA VAL B 108 -6.59 39.84 -20.62
C VAL B 108 -6.97 40.17 -19.18
N THR B 118 1.55 41.42 -23.15
CA THR B 118 2.12 41.53 -24.49
C THR B 118 2.09 40.19 -25.24
N VAL B 119 1.88 40.25 -26.56
CA VAL B 119 1.69 39.04 -27.36
C VAL B 119 3.01 38.30 -27.63
N VAL B 120 3.01 36.99 -27.40
CA VAL B 120 4.15 36.13 -27.73
C VAL B 120 4.22 36.00 -29.25
N PRO B 121 5.40 36.31 -29.84
CA PRO B 121 5.61 36.23 -31.28
C PRO B 121 5.39 34.83 -31.85
N PRO B 122 4.89 34.74 -33.09
CA PRO B 122 4.83 33.42 -33.74
C PRO B 122 6.23 32.80 -33.86
N GLU B 123 6.24 31.49 -34.07
CA GLU B 123 7.46 30.68 -34.08
C GLU B 123 8.17 30.61 -32.72
N THR B 124 7.47 30.96 -31.64
CA THR B 124 8.01 30.83 -30.28
C THR B 124 7.42 29.59 -29.63
N TYR B 125 8.28 28.73 -29.08
CA TYR B 125 7.84 27.61 -28.27
C TYR B 125 7.36 28.11 -26.91
N VAL B 126 6.20 27.63 -26.49
CA VAL B 126 5.62 28.03 -25.20
C VAL B 126 5.08 26.80 -24.43
N LYS B 127 5.06 26.92 -23.10
CA LYS B 127 4.29 26.00 -22.27
C LYS B 127 3.00 26.69 -21.87
N VAL B 128 1.88 25.99 -22.10
CA VAL B 128 0.57 26.52 -21.79
C VAL B 128 -0.04 25.67 -20.67
N ALA B 129 -0.53 26.31 -19.61
CA ALA B 129 -1.40 25.63 -18.65
C ALA B 129 -2.81 26.20 -18.81
N GLY B 130 -3.79 25.32 -18.93
CA GLY B 130 -5.15 25.77 -19.15
C GLY B 130 -6.20 24.72 -18.86
N HIS B 131 -7.45 25.08 -19.15
CA HIS B 131 -8.61 24.20 -19.03
C HIS B 131 -9.11 23.78 -20.38
N LEU B 132 -9.28 22.48 -20.54
CA LEU B 132 -9.92 21.95 -21.72
C LEU B 132 -11.37 22.37 -21.79
N ARG B 133 -11.76 22.88 -22.96
CA ARG B 133 -13.14 23.24 -23.27
C ARG B 133 -13.57 22.55 -24.56
N SER B 134 -14.87 22.36 -24.71
CA SER B 134 -15.46 21.78 -25.90
C SER B 134 -16.75 22.48 -26.27
N PHE B 135 -16.90 22.82 -27.54
CA PHE B 135 -18.17 23.34 -28.05
C PHE B 135 -18.50 22.63 -29.35
N GLN B 136 -19.62 21.92 -29.34
CA GLN B 136 -20.04 21.07 -30.47
C GLN B 136 -18.89 20.23 -30.99
N ASN B 137 -18.27 19.48 -30.08
CA ASN B 137 -17.12 18.62 -30.39
C ASN B 137 -15.81 19.29 -30.78
N LYS B 138 -15.80 20.61 -30.93
CA LYS B 138 -14.57 21.34 -31.17
C LYS B 138 -13.91 21.67 -29.83
N LYS B 139 -12.68 21.21 -29.66
CA LYS B 139 -11.91 21.42 -28.43
C LYS B 139 -11.00 22.63 -28.55
N SER B 140 -10.80 23.30 -27.41
CA SER B 140 -9.89 24.43 -27.29
C SER B 140 -9.39 24.49 -25.85
N LEU B 141 -8.40 25.34 -25.59
CA LEU B 141 -7.95 25.59 -24.22
C LEU B 141 -8.24 27.02 -23.82
N VAL B 142 -8.52 27.21 -22.54
CA VAL B 142 -8.52 28.54 -21.92
C VAL B 142 -7.32 28.53 -20.96
N ALA B 143 -6.37 29.41 -21.23
CA ALA B 143 -5.07 29.37 -20.59
C ALA B 143 -5.04 30.20 -19.32
N PHE B 144 -4.52 29.64 -18.24
CA PHE B 144 -4.19 30.42 -17.05
C PHE B 144 -2.70 30.74 -16.94
N LYS B 145 -1.88 30.16 -17.83
CA LYS B 145 -0.46 30.50 -17.94
C LYS B 145 0.07 30.17 -19.35
N ILE B 146 0.74 31.13 -19.96
CA ILE B 146 1.47 30.92 -21.22
C ILE B 146 2.90 31.45 -21.02
N MET B 147 3.89 30.54 -21.04
CA MET B 147 5.29 30.86 -20.71
C MET B 147 6.18 30.50 -21.91
N PRO B 148 6.80 31.51 -22.55
CA PRO B 148 7.80 31.22 -23.58
C PRO B 148 8.94 30.39 -23.02
N LEU B 149 9.36 29.37 -23.77
CA LEU B 149 10.46 28.50 -23.38
C LEU B 149 11.81 29.18 -23.66
N GLU B 150 12.63 29.27 -22.62
CA GLU B 150 14.02 29.74 -22.75
C GLU B 150 15.02 28.59 -22.79
N ASP B 151 14.63 27.48 -22.17
CA ASP B 151 15.43 26.26 -22.18
C ASP B 151 14.60 25.19 -22.87
N MET B 152 15.01 24.81 -24.08
CA MET B 152 14.29 23.81 -24.87
C MET B 152 14.39 22.39 -24.37
N ASN B 153 15.26 22.13 -23.41
CA ASN B 153 15.24 20.85 -22.69
C ASN B 153 13.92 20.67 -21.93
N GLU B 154 13.28 21.79 -21.58
CA GLU B 154 11.92 21.78 -20.98
C GLU B 154 10.88 21.21 -21.92
N PHE B 155 11.10 21.44 -23.22
CA PHE B 155 10.28 20.82 -24.26
C PHE B 155 10.50 19.31 -24.31
N THR B 156 11.76 18.88 -24.31
CA THR B 156 12.03 17.43 -24.25
C THR B 156 11.41 16.76 -23.00
N THR B 157 11.62 17.40 -21.85
CA THR B 157 11.05 16.93 -20.58
C THR B 157 9.53 16.86 -20.64
N HIS B 158 8.88 17.78 -21.33
CA HIS B 158 7.43 17.69 -21.49
C HIS B 158 6.98 16.42 -22.21
N ILE B 159 7.68 16.04 -23.28
CA ILE B 159 7.38 14.79 -23.97
C ILE B 159 7.47 13.61 -23.01
N LEU B 160 8.54 13.57 -22.23
CA LEU B 160 8.76 12.50 -21.27
C LEU B 160 7.65 12.50 -20.21
N GLU B 161 7.27 13.69 -19.74
CA GLU B 161 6.25 13.85 -18.72
C GLU B 161 4.86 13.40 -19.18
N VAL B 162 4.49 13.74 -20.43
CA VAL B 162 3.22 13.31 -21.01
C VAL B 162 3.13 11.78 -20.96
N ILE B 163 4.18 11.12 -21.42
CA ILE B 163 4.13 9.67 -21.55
C ILE B 163 4.06 9.01 -20.17
N ASN B 164 4.90 9.47 -19.26
CA ASN B 164 4.91 8.91 -17.92
C ASN B 164 3.63 9.21 -17.13
N ALA B 165 3.12 10.44 -17.21
CA ALA B 165 1.87 10.81 -16.52
C ALA B 165 0.70 9.94 -16.98
N HIS B 166 0.54 9.77 -18.29
CA HIS B 166 -0.58 9.00 -18.79
C HIS B 166 -0.43 7.51 -18.49
N MET B 167 0.81 7.00 -18.54
CA MET B 167 1.08 5.63 -18.15
C MET B 167 0.74 5.41 -16.67
N VAL B 168 1.24 6.26 -15.79
CA VAL B 168 0.99 6.09 -14.34
C VAL B 168 -0.48 6.31 -13.99
N LEU B 169 -1.06 7.42 -14.45
CA LEU B 169 -2.45 7.77 -14.12
C LEU B 169 -3.49 6.79 -14.67
N SER B 170 -3.21 6.14 -15.80
CA SER B 170 -4.12 5.11 -16.29
C SER B 170 -4.05 3.82 -15.47
N LYS B 171 -2.90 3.54 -14.86
CA LYS B 171 -2.76 2.44 -13.92
C LYS B 171 -3.47 2.75 -12.60
N ALA B 172 -3.31 3.97 -12.12
CA ALA B 172 -3.99 4.43 -10.89
C ALA B 172 -5.51 4.35 -11.03
N ASN B 173 -6.00 4.62 -12.25
CA ASN B 173 -7.42 4.61 -12.55
C ASN B 173 -7.96 3.21 -12.81
N SER B 174 -7.05 2.29 -13.15
CA SER B 174 -7.33 0.86 -13.32
C SER B 174 -6.65 0.36 -14.60
N ALA C 43 -29.70 -34.97 1.62
CA ALA C 43 -29.00 -34.68 0.33
C ALA C 43 -29.99 -34.17 -0.73
N GLN C 44 -29.96 -32.87 -1.03
CA GLN C 44 -28.90 -31.92 -0.76
C GLN C 44 -29.02 -31.36 0.66
N HIS C 45 -29.80 -30.31 0.97
CA HIS C 45 -30.71 -29.55 0.08
C HIS C 45 -30.24 -28.10 -0.01
N ILE C 46 -30.98 -27.24 -0.72
CA ILE C 46 -30.79 -25.78 -0.60
C ILE C 46 -31.72 -25.26 0.50
N VAL C 47 -31.15 -24.92 1.65
CA VAL C 47 -31.97 -24.63 2.83
C VAL C 47 -32.10 -23.11 3.05
N PRO C 48 -33.35 -22.61 3.11
CA PRO C 48 -33.49 -21.18 3.45
C PRO C 48 -33.15 -20.95 4.91
N CYS C 49 -32.34 -19.92 5.17
CA CYS C 49 -31.88 -19.61 6.52
C CYS C 49 -31.97 -18.13 6.89
N THR C 50 -31.87 -17.83 8.18
CA THR C 50 -31.54 -16.49 8.66
C THR C 50 -30.01 -16.40 8.84
N ILE C 51 -29.52 -15.16 8.90
CA ILE C 51 -28.12 -14.91 9.25
C ILE C 51 -27.79 -15.45 10.65
N SER C 52 -28.71 -15.29 11.60
CA SER C 52 -28.50 -15.84 12.96
C SER C 52 -28.26 -17.36 12.96
N GLN C 53 -29.00 -18.08 12.12
CA GLN C 53 -28.78 -19.52 11.97
C GLN C 53 -27.40 -19.83 11.40
N LEU C 54 -26.99 -19.10 10.36
CA LEU C 54 -25.68 -19.32 9.74
C LEU C 54 -24.55 -19.06 10.72
N LEU C 55 -24.61 -17.93 11.41
CA LEU C 55 -23.63 -17.61 12.44
C LEU C 55 -23.61 -18.60 13.61
N SER C 56 -24.74 -19.25 13.87
CA SER C 56 -24.85 -20.23 14.95
C SER C 56 -24.51 -21.66 14.52
N ALA C 57 -24.20 -21.86 13.24
CA ALA C 57 -23.94 -23.19 12.70
C ALA C 57 -22.63 -23.77 13.23
N THR C 58 -22.68 -25.00 13.73
CA THR C 58 -21.49 -25.72 14.21
C THR C 58 -20.87 -26.52 13.08
N LEU C 59 -19.55 -26.41 12.92
CA LEU C 59 -18.81 -27.21 11.93
C LEU C 59 -18.20 -28.43 12.60
N VAL C 60 -18.88 -29.57 12.52
CA VAL C 60 -18.44 -30.83 13.14
C VAL C 60 -18.12 -31.89 12.07
N ASP C 61 -16.83 -32.26 12.01
CA ASP C 61 -16.28 -33.14 10.96
C ASP C 61 -16.46 -32.56 9.55
N GLU C 62 -16.04 -31.31 9.41
CA GLU C 62 -16.10 -30.57 8.13
C GLU C 62 -17.52 -30.47 7.51
N VAL C 63 -18.54 -30.38 8.37
CA VAL C 63 -19.90 -30.18 7.91
C VAL C 63 -20.71 -29.29 8.87
N PHE C 64 -21.37 -28.28 8.32
CA PHE C 64 -22.14 -27.32 9.13
C PHE C 64 -23.50 -27.88 9.54
N ARG C 65 -23.85 -27.71 10.81
CA ARG C 65 -25.16 -28.11 11.33
C ARG C 65 -25.80 -26.97 12.13
N ILE C 66 -27.06 -26.68 11.84
CA ILE C 66 -27.88 -25.79 12.68
C ILE C 66 -28.91 -26.67 13.35
N GLY C 67 -28.80 -26.84 14.66
CA GLY C 67 -29.50 -27.92 15.35
C GLY C 67 -29.06 -29.22 14.69
N ASN C 68 -30.03 -30.10 14.39
CA ASN C 68 -29.72 -31.35 13.69
C ASN C 68 -29.74 -31.23 12.16
N VAL C 69 -30.04 -30.03 11.67
CA VAL C 69 -30.12 -29.76 10.23
C VAL C 69 -28.74 -29.45 9.65
N GLU C 70 -28.28 -30.31 8.76
CA GLU C 70 -27.01 -30.11 8.08
C GLU C 70 -27.18 -29.13 6.91
N ILE C 71 -26.28 -28.15 6.82
CA ILE C 71 -26.37 -27.12 5.77
C ILE C 71 -25.07 -26.87 4.99
N SER C 72 -25.23 -26.69 3.69
CA SER C 72 -24.12 -26.30 2.83
C SER C 72 -24.60 -25.19 1.91
N GLN C 73 -25.50 -25.55 1.01
CA GLN C 73 -26.09 -24.57 0.09
C GLN C 73 -27.30 -23.94 0.77
N VAL C 74 -27.31 -22.61 0.84
CA VAL C 74 -28.37 -21.88 1.55
C VAL C 74 -28.91 -20.71 0.72
N THR C 75 -30.03 -20.16 1.16
CA THR C 75 -30.53 -18.88 0.65
C THR C 75 -30.81 -17.95 1.83
N ILE C 76 -30.49 -16.67 1.67
CA ILE C 76 -30.89 -15.63 2.62
C ILE C 76 -31.57 -14.48 1.91
N VAL C 77 -32.40 -13.75 2.63
CA VAL C 77 -32.97 -12.50 2.14
C VAL C 77 -32.60 -11.39 3.13
N GLY C 78 -32.01 -10.32 2.62
CA GLY C 78 -31.73 -9.15 3.46
C GLY C 78 -31.36 -7.90 2.69
N ILE C 79 -31.06 -6.84 3.44
CA ILE C 79 -30.77 -5.53 2.87
C ILE C 79 -29.28 -5.40 2.71
N ILE C 80 -28.85 -4.89 1.56
CA ILE C 80 -27.45 -4.52 1.36
C ILE C 80 -27.17 -3.29 2.21
N ARG C 81 -26.27 -3.43 3.17
CA ARG C 81 -25.86 -2.31 4.01
C ARG C 81 -24.60 -1.64 3.48
N HIS C 82 -23.76 -2.44 2.82
CA HIS C 82 -22.46 -1.98 2.32
C HIS C 82 -21.99 -2.83 1.13
N ALA C 83 -21.37 -2.17 0.15
CA ALA C 83 -20.74 -2.84 -0.99
C ALA C 83 -19.33 -2.30 -1.22
N GLU C 84 -18.35 -3.19 -1.16
CA GLU C 84 -16.98 -2.84 -1.54
C GLU C 84 -16.46 -3.69 -2.70
N LYS C 85 -16.44 -3.07 -3.88
CA LYS C 85 -16.00 -3.71 -5.10
C LYS C 85 -14.48 -3.93 -5.13
N ALA C 86 -14.08 -5.01 -5.78
CA ALA C 86 -12.67 -5.32 -6.04
C ALA C 86 -12.60 -5.96 -7.44
N PRO C 87 -11.46 -5.77 -8.16
CA PRO C 87 -11.35 -6.31 -9.52
C PRO C 87 -11.83 -7.76 -9.68
N THR C 88 -11.53 -8.61 -8.70
CA THR C 88 -11.91 -10.04 -8.77
C THR C 88 -13.25 -10.39 -8.08
N ASN C 89 -13.65 -9.62 -7.07
CA ASN C 89 -14.84 -9.96 -6.27
C ASN C 89 -15.61 -8.75 -5.73
N ILE C 90 -16.85 -9.00 -5.27
CA ILE C 90 -17.60 -7.99 -4.50
C ILE C 90 -17.94 -8.58 -3.13
N VAL C 91 -17.69 -7.80 -2.08
CA VAL C 91 -18.13 -8.18 -0.75
C VAL C 91 -19.25 -7.24 -0.31
N TYR C 92 -20.42 -7.83 -0.06
CA TYR C 92 -21.56 -7.09 0.48
C TYR C 92 -21.70 -7.40 1.95
N LYS C 93 -22.11 -6.40 2.72
CA LYS C 93 -22.59 -6.64 4.07
C LYS C 93 -24.11 -6.69 4.03
N ILE C 94 -24.67 -7.87 4.32
CA ILE C 94 -26.11 -8.10 4.18
C ILE C 94 -26.78 -8.33 5.54
N ASP C 95 -27.95 -7.72 5.71
CA ASP C 95 -28.61 -7.59 7.01
C ASP C 95 -30.04 -8.07 6.85
N ASP C 96 -30.35 -9.21 7.40
CA ASP C 96 -31.72 -9.46 7.73
C ASP C 96 -31.86 -8.89 9.09
N MET C 97 -32.83 -9.24 9.87
CA MET C 97 -32.76 -8.53 11.14
C MET C 97 -32.22 -9.32 12.30
N THR C 98 -31.77 -10.52 12.01
CA THR C 98 -31.63 -11.56 13.00
C THR C 98 -30.34 -11.49 13.78
N ALA C 99 -29.40 -10.69 13.29
CA ALA C 99 -28.08 -10.50 13.89
C ALA C 99 -27.43 -9.30 13.24
N ALA C 100 -26.16 -9.04 13.56
CA ALA C 100 -25.34 -8.08 12.82
C ALA C 100 -25.25 -8.51 11.34
N PRO C 101 -25.00 -7.56 10.43
CA PRO C 101 -24.85 -7.89 9.00
C PRO C 101 -23.73 -8.91 8.76
N MET C 102 -23.95 -9.78 7.78
CA MET C 102 -22.99 -10.81 7.46
C MET C 102 -22.24 -10.49 6.16
N ASP C 103 -20.95 -10.77 6.13
CA ASP C 103 -20.14 -10.63 4.92
C ASP C 103 -20.56 -11.65 3.87
N VAL C 104 -20.81 -11.16 2.65
CA VAL C 104 -21.20 -12.03 1.54
C VAL C 104 -20.32 -11.73 0.33
N ARG C 105 -19.50 -12.70 -0.06
CA ARG C 105 -18.55 -12.53 -1.16
C ARG C 105 -19.08 -13.09 -2.49
N GLN C 106 -19.07 -12.27 -3.52
CA GLN C 106 -19.39 -12.75 -4.85
C GLN C 106 -18.26 -12.53 -5.83
N TRP C 107 -17.76 -13.62 -6.37
CA TRP C 107 -16.99 -13.60 -7.59
C TRP C 107 -17.92 -13.64 -8.77
N VAL C 108 -17.79 -12.64 -9.63
CA VAL C 108 -16.71 -12.53 -10.56
C VAL C 108 -15.40 -13.03 -10.05
N SER C 115 -19.64 -4.35 -20.95
CA SER C 115 -20.33 -3.83 -19.80
C SER C 115 -19.82 -4.47 -18.52
N GLU C 116 -20.00 -3.78 -17.40
CA GLU C 116 -19.61 -4.28 -16.07
C GLU C 116 -20.77 -4.74 -15.23
N ASN C 117 -20.67 -5.93 -14.68
CA ASN C 117 -21.46 -6.33 -13.52
C ASN C 117 -21.56 -5.27 -12.47
N THR C 118 -22.65 -4.53 -12.51
CA THR C 118 -22.84 -3.41 -11.58
C THR C 118 -23.28 -3.86 -10.17
N VAL C 119 -22.70 -3.21 -9.15
CA VAL C 119 -23.00 -3.53 -7.76
C VAL C 119 -24.42 -3.14 -7.36
N VAL C 120 -25.02 -3.96 -6.51
CA VAL C 120 -26.34 -3.68 -5.96
C VAL C 120 -26.24 -2.49 -5.00
N PRO C 121 -27.07 -1.44 -5.22
CA PRO C 121 -27.03 -0.23 -4.39
C PRO C 121 -27.45 -0.53 -2.96
N PRO C 122 -26.82 0.13 -1.96
CA PRO C 122 -27.22 -0.03 -0.57
C PRO C 122 -28.70 0.30 -0.36
N GLU C 123 -29.28 -0.30 0.67
CA GLU C 123 -30.71 -0.18 1.01
C GLU C 123 -31.62 -0.96 0.04
N THR C 124 -31.04 -1.89 -0.71
CA THR C 124 -31.81 -2.80 -1.58
C THR C 124 -31.96 -4.15 -0.91
N TYR C 125 -33.19 -4.66 -0.88
CA TYR C 125 -33.44 -6.04 -0.45
C TYR C 125 -33.08 -6.99 -1.58
N VAL C 126 -32.29 -8.00 -1.23
CA VAL C 126 -31.85 -9.00 -2.20
C VAL C 126 -32.10 -10.41 -1.68
N LYS C 127 -32.23 -11.36 -2.60
CA LYS C 127 -32.11 -12.77 -2.27
C LYS C 127 -30.74 -13.28 -2.68
N VAL C 128 -30.08 -13.96 -1.76
CA VAL C 128 -28.75 -14.49 -1.98
C VAL C 128 -28.80 -16.01 -2.00
N ALA C 129 -28.18 -16.61 -3.00
CA ALA C 129 -27.99 -18.05 -3.04
C ALA C 129 -26.50 -18.34 -3.01
N GLY C 130 -26.07 -19.14 -2.05
CA GLY C 130 -24.65 -19.43 -1.92
C GLY C 130 -24.36 -20.59 -1.01
N HIS C 131 -23.09 -20.70 -0.62
CA HIS C 131 -22.65 -21.77 0.26
C HIS C 131 -22.03 -21.16 1.51
N LEU C 132 -22.30 -21.79 2.66
CA LEU C 132 -21.71 -21.35 3.90
C LEU C 132 -20.25 -21.78 4.00
N ARG C 133 -19.38 -20.82 4.29
CA ARG C 133 -17.99 -21.06 4.63
C ARG C 133 -17.51 -20.32 5.88
N SER C 134 -16.79 -21.03 6.74
CA SER C 134 -16.41 -20.52 8.05
C SER C 134 -14.99 -20.02 8.07
N PHE C 135 -14.27 -20.30 7.01
CA PHE C 135 -12.84 -20.42 7.10
C PHE C 135 -12.17 -19.05 7.30
N GLN C 136 -11.64 -18.80 8.49
CA GLN C 136 -11.62 -19.76 9.58
C GLN C 136 -12.10 -19.10 10.84
N ASN C 137 -13.15 -19.68 11.39
CA ASN C 137 -13.87 -19.14 12.52
C ASN C 137 -14.77 -17.95 12.24
N LYS C 138 -14.52 -17.26 11.15
CA LYS C 138 -15.37 -16.17 10.73
C LYS C 138 -16.28 -16.64 9.61
N LYS C 139 -17.58 -16.65 9.87
CA LYS C 139 -18.52 -17.15 8.89
C LYS C 139 -18.89 -16.13 7.83
N SER C 140 -19.05 -16.60 6.61
CA SER C 140 -19.55 -15.78 5.52
C SER C 140 -20.20 -16.64 4.47
N LEU C 141 -20.88 -16.03 3.53
CA LEU C 141 -21.45 -16.75 2.43
C LEU C 141 -20.63 -16.49 1.20
N VAL C 142 -20.42 -17.53 0.40
CA VAL C 142 -19.92 -17.35 -0.95
C VAL C 142 -21.12 -17.46 -1.87
N ALA C 143 -21.55 -16.31 -2.40
CA ALA C 143 -22.73 -16.22 -3.24
C ALA C 143 -22.40 -16.48 -4.69
N PHE C 144 -23.21 -17.30 -5.34
CA PHE C 144 -23.30 -17.31 -6.78
C PHE C 144 -24.33 -16.42 -7.40
N LYS C 145 -25.42 -16.20 -6.69
CA LYS C 145 -26.47 -15.33 -7.16
C LYS C 145 -26.86 -14.33 -6.11
N ILE C 146 -26.91 -13.08 -6.52
CA ILE C 146 -27.45 -12.02 -5.70
C ILE C 146 -28.49 -11.22 -6.47
N MET C 147 -29.75 -11.45 -6.15
CA MET C 147 -30.89 -10.96 -6.93
C MET C 147 -31.71 -9.92 -6.13
N PRO C 148 -31.72 -8.65 -6.59
CA PRO C 148 -32.62 -7.63 -6.00
C PRO C 148 -34.08 -8.06 -6.07
N LEU C 149 -34.81 -7.89 -4.96
CA LEU C 149 -36.24 -8.23 -4.92
C LEU C 149 -37.10 -7.20 -5.65
N GLU C 150 -37.86 -7.68 -6.64
CA GLU C 150 -38.80 -6.83 -7.38
C GLU C 150 -40.17 -6.86 -6.71
N ASP C 151 -40.42 -7.94 -5.99
CA ASP C 151 -41.65 -8.13 -5.24
C ASP C 151 -41.28 -8.42 -3.78
N MET C 152 -41.70 -7.56 -2.85
CA MET C 152 -41.37 -7.73 -1.44
C MET C 152 -42.18 -8.84 -0.77
N ASN C 153 -43.22 -9.34 -1.43
CA ASN C 153 -43.88 -10.53 -0.93
C ASN C 153 -42.92 -11.74 -0.90
N GLU C 154 -41.87 -11.70 -1.72
CA GLU C 154 -40.84 -12.76 -1.73
C GLU C 154 -40.07 -12.81 -0.41
N PHE C 155 -39.84 -11.63 0.16
CA PHE C 155 -39.22 -11.48 1.46
C PHE C 155 -40.07 -12.12 2.55
N THR C 156 -41.38 -11.86 2.54
CA THR C 156 -42.30 -12.46 3.51
C THR C 156 -42.29 -14.00 3.36
N THR C 157 -42.32 -14.45 2.11
CA THR C 157 -42.31 -15.87 1.80
C THR C 157 -41.03 -16.55 2.27
N HIS C 158 -39.91 -15.83 2.19
CA HIS C 158 -38.65 -16.38 2.68
C HIS C 158 -38.72 -16.64 4.18
N ILE C 159 -39.31 -15.72 4.93
CA ILE C 159 -39.46 -15.92 6.36
C ILE C 159 -40.23 -17.22 6.60
N LEU C 160 -41.38 -17.36 5.95
CA LEU C 160 -42.21 -18.56 6.07
C LEU C 160 -41.48 -19.86 5.71
N GLU C 161 -40.68 -19.79 4.64
CA GLU C 161 -39.89 -20.91 4.15
C GLU C 161 -38.81 -21.32 5.14
N VAL C 162 -38.12 -20.33 5.70
CA VAL C 162 -37.08 -20.60 6.70
C VAL C 162 -37.66 -21.49 7.78
N ILE C 163 -38.78 -21.05 8.37
CA ILE C 163 -39.36 -21.72 9.52
C ILE C 163 -39.85 -23.12 9.14
N ASN C 164 -40.61 -23.20 8.05
CA ASN C 164 -41.13 -24.49 7.60
C ASN C 164 -40.03 -25.49 7.22
N ALA C 165 -39.01 -25.03 6.50
CA ALA C 165 -37.90 -25.90 6.10
C ALA C 165 -37.15 -26.46 7.32
N HIS C 166 -36.79 -25.59 8.24
CA HIS C 166 -36.08 -26.01 9.45
C HIS C 166 -36.93 -26.88 10.36
N MET C 167 -38.24 -26.63 10.39
CA MET C 167 -39.16 -27.46 11.15
C MET C 167 -39.19 -28.90 10.62
N VAL C 168 -39.31 -29.02 9.29
CA VAL C 168 -39.52 -30.32 8.67
C VAL C 168 -38.20 -31.11 8.55
N LEU C 169 -37.10 -30.42 8.25
CA LEU C 169 -35.79 -31.05 8.16
C LEU C 169 -35.31 -31.53 9.51
N SER C 170 -35.56 -30.74 10.56
CA SER C 170 -35.20 -31.14 11.91
C SER C 170 -36.07 -32.31 12.40
N LYS C 171 -37.28 -32.43 11.88
CA LYS C 171 -38.13 -33.60 12.17
C LYS C 171 -37.66 -34.86 11.43
N ALA C 172 -37.23 -34.69 10.18
CA ALA C 172 -36.71 -35.77 9.38
C ALA C 172 -35.38 -36.30 9.93
N ASN C 173 -34.75 -35.52 10.82
CA ASN C 173 -33.47 -35.85 11.44
C ASN C 173 -33.59 -36.50 12.82
N ALA D 43 11.98 -46.90 16.23
CA ALA D 43 11.68 -47.08 17.69
C ALA D 43 10.23 -46.75 18.11
N GLN D 44 9.57 -45.70 17.57
CA GLN D 44 10.12 -44.63 16.73
C GLN D 44 10.87 -43.62 17.62
N HIS D 45 11.75 -42.82 17.03
CA HIS D 45 12.76 -42.07 17.78
C HIS D 45 12.23 -40.85 18.50
N ILE D 46 12.83 -40.56 19.67
CA ILE D 46 12.67 -39.27 20.32
C ILE D 46 13.70 -38.34 19.67
N VAL D 47 13.23 -37.48 18.77
CA VAL D 47 14.12 -36.65 17.96
C VAL D 47 14.36 -35.29 18.62
N PRO D 48 15.64 -34.86 18.75
CA PRO D 48 15.87 -33.49 19.23
C PRO D 48 15.50 -32.47 18.16
N CYS D 49 14.77 -31.43 18.55
CA CYS D 49 14.29 -30.43 17.61
C CYS D 49 14.48 -29.00 18.10
N THR D 50 14.40 -28.06 17.16
CA THR D 50 14.20 -26.65 17.50
C THR D 50 12.71 -26.37 17.42
N ILE D 51 12.25 -25.32 18.10
CA ILE D 51 10.89 -24.85 17.95
C ILE D 51 10.55 -24.47 16.50
N SER D 52 11.49 -23.84 15.79
CA SER D 52 11.30 -23.54 14.36
C SER D 52 10.93 -24.78 13.54
N GLN D 53 11.56 -25.92 13.85
CA GLN D 53 11.25 -27.21 13.22
C GLN D 53 9.85 -27.73 13.52
N LEU D 54 9.46 -27.68 14.79
CA LEU D 54 8.13 -28.08 15.22
C LEU D 54 7.03 -27.23 14.57
N LEU D 55 7.29 -25.94 14.38
CA LEU D 55 6.33 -25.03 13.73
C LEU D 55 6.23 -25.28 12.23
N SER D 56 7.34 -25.70 11.63
CA SER D 56 7.42 -25.99 10.20
C SER D 56 6.85 -27.37 9.82
N ALA D 57 6.67 -28.22 10.82
CA ALA D 57 6.16 -29.58 10.63
C ALA D 57 4.85 -29.56 9.85
N THR D 58 4.73 -30.49 8.92
CA THR D 58 3.49 -30.71 8.17
C THR D 58 2.82 -31.95 8.71
N LEU D 59 1.53 -31.83 9.00
CA LEU D 59 0.73 -32.98 9.39
C LEU D 59 0.03 -33.53 8.15
N VAL D 60 0.41 -34.74 7.76
CA VAL D 60 -0.17 -35.41 6.60
C VAL D 60 -0.53 -36.84 6.97
N ASP D 61 -1.83 -37.13 6.96
CA ASP D 61 -2.39 -38.43 7.41
C ASP D 61 -1.96 -38.79 8.84
N GLU D 62 -2.32 -37.90 9.78
CA GLU D 62 -2.10 -38.10 11.23
C GLU D 62 -0.65 -38.26 11.72
N VAL D 63 0.32 -37.99 10.83
CA VAL D 63 1.74 -38.09 11.19
C VAL D 63 2.54 -36.83 10.78
N PHE D 64 3.26 -36.27 11.75
CA PHE D 64 4.05 -35.05 11.55
C PHE D 64 5.40 -35.32 10.87
N ARG D 65 5.76 -34.45 9.93
CA ARG D 65 7.04 -34.53 9.24
C ARG D 65 7.75 -33.17 9.16
N ILE D 66 9.02 -33.15 9.55
CA ILE D 66 9.91 -32.01 9.28
C ILE D 66 10.87 -32.46 8.17
N GLY D 67 10.80 -31.80 7.02
CA GLY D 67 11.42 -32.34 5.80
C GLY D 67 10.85 -33.71 5.53
N ASN D 68 11.72 -34.69 5.31
CA ASN D 68 11.30 -36.09 5.15
C ASN D 68 11.38 -36.89 6.46
N VAL D 69 11.73 -36.22 7.55
CA VAL D 69 11.86 -36.83 8.87
C VAL D 69 10.53 -36.79 9.62
N GLU D 70 10.03 -37.97 10.01
CA GLU D 70 8.78 -38.04 10.78
C GLU D 70 9.04 -37.90 12.29
N ILE D 71 8.22 -37.08 12.93
CA ILE D 71 8.40 -36.78 14.34
C ILE D 71 7.09 -36.94 15.12
N SER D 72 7.20 -37.49 16.32
CA SER D 72 6.09 -37.53 17.27
C SER D 72 6.63 -37.08 18.60
N GLN D 73 7.49 -37.93 19.18
CA GLN D 73 8.13 -37.65 20.45
C GLN D 73 9.42 -36.90 20.18
N VAL D 74 9.60 -35.77 20.86
CA VAL D 74 10.71 -34.85 20.60
C VAL D 74 11.28 -34.30 21.91
N THR D 75 12.50 -33.78 21.84
CA THR D 75 13.04 -32.97 22.93
C THR D 75 13.34 -31.56 22.43
N ILE D 76 13.10 -30.57 23.26
CA ILE D 76 13.54 -29.19 23.01
C ILE D 76 14.22 -28.65 24.26
N VAL D 77 15.13 -27.69 24.06
CA VAL D 77 15.79 -26.97 25.14
C VAL D 77 15.52 -25.49 24.94
N GLY D 78 15.04 -24.83 25.99
CA GLY D 78 14.80 -23.38 25.94
C GLY D 78 14.50 -22.75 27.28
N ILE D 79 14.25 -21.45 27.25
CA ILE D 79 13.99 -20.66 28.47
C ILE D 79 12.50 -20.56 28.73
N ILE D 80 12.11 -20.72 29.99
CA ILE D 80 10.75 -20.45 30.44
C ILE D 80 10.53 -18.93 30.41
N ARG D 81 9.62 -18.49 29.57
CA ARG D 81 9.29 -17.07 29.43
C ARG D 81 8.04 -16.71 30.23
N HIS D 82 7.16 -17.70 30.43
CA HIS D 82 5.90 -17.51 31.15
C HIS D 82 5.33 -18.85 31.59
N ALA D 83 4.80 -18.89 32.81
CA ALA D 83 4.11 -20.06 33.35
C ALA D 83 2.71 -19.71 33.85
N GLU D 84 1.71 -20.42 33.34
CA GLU D 84 0.32 -20.24 33.76
C GLU D 84 -0.19 -21.48 34.49
N LYS D 85 -0.13 -21.45 35.82
CA LYS D 85 -0.52 -22.58 36.66
C LYS D 85 -2.03 -22.67 36.86
N ALA D 86 -2.60 -23.79 36.39
CA ALA D 86 -4.02 -24.07 36.56
C ALA D 86 -4.18 -25.28 37.49
N PRO D 87 -5.43 -25.55 37.96
CA PRO D 87 -5.69 -26.75 38.77
C PRO D 87 -5.13 -28.05 38.17
N THR D 88 -5.61 -28.41 36.98
CA THR D 88 -5.29 -29.71 36.36
C THR D 88 -3.99 -29.75 35.54
N ASN D 89 -3.42 -28.58 35.24
CA ASN D 89 -2.24 -28.49 34.38
C ASN D 89 -1.36 -27.26 34.62
N ILE D 90 -0.20 -27.26 33.97
CA ILE D 90 0.66 -26.08 33.93
C ILE D 90 1.12 -25.84 32.49
N VAL D 91 0.95 -24.61 32.01
CA VAL D 91 1.31 -24.26 30.64
C VAL D 91 2.48 -23.27 30.61
N TYR D 92 3.57 -23.67 29.95
CA TYR D 92 4.75 -22.85 29.81
C TYR D 92 4.87 -22.26 28.40
N LYS D 93 5.42 -21.06 28.33
CA LYS D 93 5.88 -20.48 27.07
C LYS D 93 7.38 -20.69 27.05
N ILE D 94 7.84 -21.57 26.16
CA ILE D 94 9.26 -21.90 26.11
C ILE D 94 9.94 -21.31 24.86
N ASP D 95 11.13 -20.74 25.03
CA ASP D 95 11.81 -19.97 23.99
C ASP D 95 13.20 -20.56 23.76
N ASP D 96 13.46 -21.03 22.54
CA ASP D 96 14.81 -21.47 22.16
C ASP D 96 15.52 -20.57 21.13
N MET D 97 14.97 -19.37 20.95
CA MET D 97 15.51 -18.33 20.04
C MET D 97 15.28 -18.56 18.54
N THR D 98 14.85 -19.75 18.16
CA THR D 98 14.67 -20.09 16.75
C THR D 98 13.36 -19.55 16.15
N ALA D 99 12.40 -19.21 17.02
CA ALA D 99 11.13 -18.67 16.62
C ALA D 99 10.49 -17.98 17.82
N ALA D 100 9.24 -17.57 17.70
CA ALA D 100 8.46 -17.11 18.86
C ALA D 100 8.31 -18.28 19.85
N PRO D 101 8.07 -17.97 21.15
CA PRO D 101 7.97 -19.06 22.13
C PRO D 101 6.82 -20.03 21.82
N MET D 102 7.00 -21.28 22.24
CA MET D 102 5.98 -22.30 22.02
C MET D 102 5.27 -22.67 23.32
N ASP D 103 4.00 -23.01 23.18
CA ASP D 103 3.20 -23.48 24.31
C ASP D 103 3.55 -24.92 24.63
N VAL D 104 3.91 -25.15 25.88
CA VAL D 104 4.23 -26.50 26.37
C VAL D 104 3.33 -26.81 27.57
N ARG D 105 2.45 -27.78 27.39
CA ARG D 105 1.48 -28.16 28.42
C ARG D 105 1.92 -29.41 29.18
N GLN D 106 1.98 -29.29 30.50
CA GLN D 106 2.34 -30.39 31.38
C GLN D 106 1.16 -30.73 32.31
N TRP D 107 0.72 -31.99 32.27
CA TRP D 107 -0.44 -32.40 33.04
C TRP D 107 -0.12 -32.72 34.51
N VAL D 108 -0.96 -32.17 35.39
CA VAL D 108 -0.85 -32.37 36.84
C VAL D 108 -2.00 -33.23 37.36
N THR D 118 6.14 -28.86 41.34
CA THR D 118 6.02 -27.42 41.55
C THR D 118 6.39 -26.61 40.29
N VAL D 119 6.08 -25.31 40.30
CA VAL D 119 6.31 -24.42 39.16
C VAL D 119 7.80 -24.11 38.96
N VAL D 120 8.21 -24.06 37.70
CA VAL D 120 9.57 -23.70 37.33
C VAL D 120 9.63 -22.19 37.06
N PRO D 121 10.55 -21.47 37.75
CA PRO D 121 10.67 -20.01 37.61
C PRO D 121 10.97 -19.56 36.18
N PRO D 122 10.44 -18.40 35.77
CA PRO D 122 10.80 -17.83 34.47
C PRO D 122 12.29 -17.46 34.42
N GLU D 123 12.83 -17.42 33.20
CA GLU D 123 14.25 -17.12 32.93
C GLU D 123 15.20 -18.27 33.30
N THR D 124 14.64 -19.46 33.49
CA THR D 124 15.44 -20.65 33.71
C THR D 124 15.37 -21.59 32.49
N TYR D 125 16.53 -22.09 32.07
CA TYR D 125 16.63 -23.06 30.98
C TYR D 125 16.14 -24.45 31.40
N VAL D 126 15.34 -25.08 30.54
CA VAL D 126 14.82 -26.43 30.75
C VAL D 126 15.02 -27.32 29.52
N LYS D 127 15.15 -28.62 29.72
CA LYS D 127 14.88 -29.59 28.67
C LYS D 127 13.50 -30.19 28.75
N VAL D 128 12.82 -30.20 27.62
CA VAL D 128 11.47 -30.69 27.55
C VAL D 128 11.38 -31.92 26.69
N ALA D 129 10.58 -32.88 27.12
CA ALA D 129 10.29 -34.05 26.33
C ALA D 129 8.79 -34.25 26.25
N GLY D 130 8.34 -34.61 25.03
CA GLY D 130 6.89 -34.49 24.84
C GLY D 130 6.54 -34.83 23.43
N HIS D 131 5.26 -34.82 23.14
CA HIS D 131 4.76 -35.14 21.84
C HIS D 131 4.25 -33.90 21.22
N LEU D 132 4.37 -33.82 19.92
CA LEU D 132 3.89 -32.68 19.21
C LEU D 132 2.42 -32.83 18.94
N ARG D 133 1.66 -31.81 19.29
CA ARG D 133 0.24 -31.80 19.01
C ARG D 133 -0.12 -30.69 18.04
N SER D 134 -1.36 -30.62 17.64
CA SER D 134 -1.77 -29.55 16.78
C SER D 134 -3.27 -29.42 16.80
N PHE D 135 -3.80 -28.49 17.57
CA PHE D 135 -5.20 -28.14 17.45
C PHE D 135 -6.12 -27.75 16.32
N GLN D 136 -5.98 -26.56 15.79
CA GLN D 136 -6.40 -26.24 14.43
C GLN D 136 -5.19 -25.42 14.08
N ASN D 137 -4.15 -26.09 13.65
CA ASN D 137 -3.02 -25.52 12.92
C ASN D 137 -2.11 -24.68 13.81
N LYS D 138 -2.40 -24.65 15.10
CA LYS D 138 -1.45 -24.31 16.16
C LYS D 138 -0.75 -25.51 16.77
N LYS D 139 0.55 -25.57 16.61
CA LYS D 139 1.32 -26.57 17.29
C LYS D 139 1.66 -26.24 18.71
N SER D 140 1.72 -27.27 19.52
CA SER D 140 2.09 -27.16 20.91
C SER D 140 2.70 -28.46 21.32
N LEU D 141 3.48 -28.43 22.37
CA LEU D 141 4.03 -29.63 22.93
C LEU D 141 3.20 -30.07 24.10
N VAL D 142 3.02 -31.36 24.24
CA VAL D 142 2.51 -31.95 25.47
C VAL D 142 3.66 -32.68 26.15
N ALA D 143 4.07 -32.17 27.31
CA ALA D 143 5.26 -32.66 27.99
C ALA D 143 4.95 -33.63 29.12
N PHE D 144 5.65 -34.75 29.12
CA PHE D 144 5.68 -35.61 30.31
C PHE D 144 6.83 -35.19 31.23
N LYS D 145 7.96 -34.60 30.73
CA LYS D 145 9.17 -34.25 31.39
C LYS D 145 9.65 -32.84 31.01
N ILE D 146 9.76 -32.00 32.11
CA ILE D 146 10.32 -30.66 32.02
C ILE D 146 11.36 -30.54 33.13
N MET D 147 12.63 -30.52 32.74
CA MET D 147 13.73 -30.62 33.70
C MET D 147 14.69 -29.42 33.62
N PRO D 148 14.73 -28.60 34.70
CA PRO D 148 15.71 -27.51 34.78
C PRO D 148 17.14 -27.99 34.53
N LEU D 149 17.86 -27.27 33.67
CA LEU D 149 19.25 -27.58 33.37
C LEU D 149 20.17 -27.14 34.51
N GLU D 150 20.94 -28.10 35.01
CA GLU D 150 21.99 -27.84 36.01
C GLU D 150 23.26 -27.45 35.27
N ASP D 151 23.53 -28.16 34.17
CA ASP D 151 24.70 -27.93 33.34
C ASP D 151 24.30 -27.30 32.00
N MET D 152 24.79 -26.08 31.75
CA MET D 152 24.45 -25.37 30.51
C MET D 152 25.16 -25.89 29.26
N ASN D 153 26.15 -26.75 29.47
CA ASN D 153 26.77 -27.47 28.36
C ASN D 153 25.79 -28.43 27.70
N GLU D 154 24.75 -28.78 28.45
CA GLU D 154 23.64 -29.62 28.01
C GLU D 154 22.83 -28.92 26.93
N PHE D 155 22.71 -27.61 27.09
CA PHE D 155 22.08 -26.75 26.10
C PHE D 155 22.90 -26.74 24.79
N THR D 156 24.23 -26.58 24.90
CA THR D 156 25.13 -26.66 23.75
C THR D 156 25.06 -28.03 23.04
N THR D 157 24.97 -29.08 23.85
CA THR D 157 24.90 -30.45 23.34
C THR D 157 23.60 -30.67 22.56
N HIS D 158 22.50 -30.11 23.04
CA HIS D 158 21.23 -30.20 22.31
C HIS D 158 21.32 -29.59 20.90
N ILE D 159 21.91 -28.40 20.78
CA ILE D 159 22.12 -27.76 19.47
C ILE D 159 22.79 -28.76 18.54
N LEU D 160 23.92 -29.32 18.97
CA LEU D 160 24.65 -30.31 18.19
C LEU D 160 23.81 -31.55 17.86
N GLU D 161 23.03 -32.02 18.83
CA GLU D 161 22.21 -33.22 18.67
C GLU D 161 21.09 -32.99 17.67
N VAL D 162 20.51 -31.79 17.68
CA VAL D 162 19.49 -31.41 16.70
C VAL D 162 20.05 -31.53 15.28
N ILE D 163 21.21 -30.93 15.05
CA ILE D 163 21.75 -30.85 13.69
C ILE D 163 22.19 -32.23 13.22
N ASN D 164 22.87 -32.99 14.09
CA ASN D 164 23.30 -34.34 13.73
C ASN D 164 22.12 -35.31 13.53
N ALA D 165 21.16 -35.32 14.46
CA ALA D 165 19.98 -36.16 14.33
C ALA D 165 19.21 -35.88 13.04
N HIS D 166 18.89 -34.62 12.78
CA HIS D 166 18.16 -34.29 11.56
C HIS D 166 18.94 -34.58 10.28
N MET D 167 20.27 -34.44 10.34
CA MET D 167 21.12 -34.75 9.20
C MET D 167 21.11 -36.25 8.85
N VAL D 168 21.22 -37.09 9.87
CA VAL D 168 21.30 -38.54 9.66
C VAL D 168 19.93 -39.14 9.33
N LEU D 169 18.90 -38.67 10.04
CA LEU D 169 17.54 -39.15 9.84
C LEU D 169 17.02 -38.82 8.45
N SER D 170 17.39 -37.67 7.91
CA SER D 170 17.01 -37.30 6.56
C SER D 170 17.78 -38.09 5.49
N LYS D 171 19.06 -38.35 5.75
CA LYS D 171 19.85 -39.25 4.89
C LYS D 171 19.27 -40.67 4.88
N ALA D 172 18.87 -41.17 6.05
CA ALA D 172 18.26 -42.49 6.16
C ALA D 172 16.95 -42.59 5.34
N ASN D 173 16.17 -41.52 5.32
CA ASN D 173 14.94 -41.46 4.51
C ASN D 173 15.18 -41.18 3.03
N SER D 174 16.06 -41.97 2.40
CA SER D 174 16.43 -41.82 0.98
C SER D 174 16.70 -40.37 0.55
N VAL E 23 17.49 2.82 18.33
CA VAL E 23 17.13 2.64 16.90
C VAL E 23 15.61 2.86 16.70
N ASP E 24 15.18 4.11 16.44
CA ASP E 24 15.92 5.17 15.70
C ASP E 24 16.30 4.69 14.30
N MET E 25 15.27 4.30 13.58
CA MET E 25 15.40 3.92 12.21
C MET E 25 15.49 5.15 11.32
N MET E 26 15.56 6.33 11.95
CA MET E 26 15.73 7.58 11.21
C MET E 26 17.11 7.61 10.53
N ASP E 27 18.02 6.76 10.99
CA ASP E 27 19.34 6.63 10.39
C ASP E 27 19.45 5.39 9.48
N LEU E 28 18.35 4.67 9.31
CA LEU E 28 18.34 3.48 8.48
C LEU E 28 17.53 3.71 7.19
N PRO E 29 17.80 2.92 6.14
CA PRO E 29 16.89 2.99 4.99
C PRO E 29 15.52 2.40 5.36
N ARG E 30 14.45 3.10 5.01
CA ARG E 30 13.09 2.60 5.20
C ARG E 30 12.37 2.43 3.85
N SER E 31 11.83 1.24 3.61
CA SER E 31 11.10 0.93 2.39
C SER E 31 9.70 1.48 2.44
N ARG E 32 9.29 2.15 1.36
CA ARG E 32 7.93 2.66 1.23
C ARG E 32 7.09 1.50 0.78
N ILE E 33 6.08 1.14 1.58
CA ILE E 33 5.25 -0.02 1.29
C ILE E 33 3.75 0.31 1.30
N ASN E 34 2.94 -0.66 0.88
CA ASN E 34 1.50 -0.67 1.14
C ASN E 34 1.19 -1.91 1.98
N ALA E 35 -0.08 -2.10 2.37
CA ALA E 35 -0.45 -3.18 3.31
C ALA E 35 -0.22 -4.58 2.76
N GLY E 36 -0.41 -4.76 1.46
CA GLY E 36 -0.13 -6.06 0.84
C GLY E 36 1.34 -6.45 0.90
N MET E 37 2.22 -5.49 1.25
CA MET E 37 3.65 -5.81 1.36
C MET E 37 4.10 -6.12 2.79
N LEU E 38 3.23 -5.88 3.76
CA LEU E 38 3.59 -6.06 5.17
C LEU E 38 4.17 -7.46 5.43
N ALA E 39 3.51 -8.49 4.91
CA ALA E 39 3.96 -9.87 5.19
C ALA E 39 5.34 -10.20 4.62
N GLN E 40 5.78 -9.44 3.64
CA GLN E 40 7.07 -9.66 3.02
C GLN E 40 8.18 -8.80 3.65
N PHE E 41 7.79 -7.88 4.54
CA PHE E 41 8.73 -6.96 5.20
C PHE E 41 8.82 -7.11 6.72
N ILE E 42 8.50 -8.29 7.23
CA ILE E 42 8.54 -8.57 8.67
C ILE E 42 9.90 -8.20 9.23
N ASP E 43 9.90 -7.44 10.32
CA ASP E 43 11.11 -6.98 11.01
C ASP E 43 11.97 -5.96 10.22
N LYS E 44 11.41 -5.42 9.14
CA LYS E 44 12.12 -4.42 8.33
C LYS E 44 11.66 -2.99 8.66
N PRO E 45 12.58 -2.02 8.61
CA PRO E 45 12.20 -0.62 8.70
C PRO E 45 11.40 -0.21 7.45
N VAL E 46 10.25 0.42 7.68
CA VAL E 46 9.32 0.78 6.61
C VAL E 46 8.78 2.18 6.79
N CYS E 47 8.22 2.71 5.72
CA CYS E 47 7.52 3.96 5.75
C CYS E 47 6.12 3.69 5.12
N PHE E 48 5.06 3.85 5.92
CA PHE E 48 3.70 3.52 5.47
C PHE E 48 2.87 4.80 5.40
N VAL E 49 2.40 5.15 4.20
CA VAL E 49 1.49 6.31 4.03
C VAL E 49 0.08 5.78 3.86
N GLY E 50 -0.85 6.40 4.53
CA GLY E 50 -2.23 6.00 4.47
C GLY E 50 -3.16 6.98 5.13
N ARG E 51 -4.45 6.77 4.92
CA ARG E 51 -5.50 7.56 5.52
C ARG E 51 -5.91 7.04 6.89
N LEU E 52 -6.03 7.93 7.85
CA LEU E 52 -6.48 7.56 9.18
C LEU E 52 -7.90 7.08 9.23
N GLU E 53 -8.05 5.80 9.46
CA GLU E 53 -9.32 5.15 9.63
C GLU E 53 -9.90 5.27 11.04
N LYS E 54 -9.15 4.88 12.06
CA LYS E 54 -9.57 5.09 13.45
C LYS E 54 -8.39 5.03 14.41
N ILE E 55 -8.60 5.57 15.60
CA ILE E 55 -7.65 5.49 16.70
C ILE E 55 -8.22 4.59 17.81
N HIS E 56 -7.42 3.62 18.25
CA HIS E 56 -7.81 2.70 19.32
C HIS E 56 -8.12 3.48 20.63
N PRO E 57 -9.10 2.99 21.43
CA PRO E 57 -9.42 3.64 22.71
C PRO E 57 -8.21 4.00 23.57
N THR E 58 -7.22 3.12 23.62
CA THR E 58 -5.97 3.41 24.36
C THR E 58 -5.15 4.58 23.80
N GLY E 59 -5.32 4.91 22.52
CA GLY E 59 -4.47 5.92 21.87
C GLY E 59 -3.08 5.38 21.51
N LYS E 60 -2.89 4.07 21.65
CA LYS E 60 -1.58 3.44 21.41
C LYS E 60 -1.59 2.58 20.16
N MET E 61 -2.62 2.77 19.34
CA MET E 61 -2.77 2.01 18.11
C MET E 61 -3.73 2.76 17.20
N PHE E 62 -3.38 2.82 15.91
CA PHE E 62 -4.30 3.35 14.92
C PHE E 62 -4.22 2.57 13.62
N ILE E 63 -5.24 2.76 12.79
CA ILE E 63 -5.36 2.01 11.53
C ILE E 63 -5.24 3.00 10.38
N LEU E 64 -4.40 2.66 9.41
CA LEU E 64 -4.24 3.47 8.22
C LEU E 64 -4.63 2.63 7.04
N SER E 65 -5.42 3.21 6.14
CA SER E 65 -5.74 2.49 4.91
C SER E 65 -4.87 3.05 3.77
N ASP E 66 -4.30 2.15 2.99
CA ASP E 66 -3.37 2.48 1.88
C ASP E 66 -4.13 2.87 0.60
N GLY E 67 -3.39 3.09 -0.50
CA GLY E 67 -4.02 3.58 -1.71
C GLY E 67 -4.82 2.54 -2.46
N GLU E 68 -4.77 1.29 -2.01
CA GLU E 68 -5.61 0.21 -2.54
C GLU E 68 -6.79 -0.06 -1.59
N GLY E 69 -6.94 0.76 -0.57
CA GLY E 69 -8.04 0.62 0.40
C GLY E 69 -7.83 -0.50 1.42
N LYS E 70 -6.58 -0.93 1.60
CA LYS E 70 -6.25 -2.02 2.51
C LYS E 70 -5.60 -1.47 3.76
N ASN E 71 -5.97 -2.06 4.90
CA ASN E 71 -5.59 -1.51 6.21
C ASN E 71 -4.27 -2.04 6.73
N GLY E 72 -3.53 -1.14 7.37
CA GLY E 72 -2.35 -1.54 8.13
C GLY E 72 -2.54 -1.05 9.56
N THR E 73 -2.20 -1.90 10.52
CA THR E 73 -2.30 -1.56 11.94
C THR E 73 -0.99 -0.96 12.44
N ILE E 74 -1.08 0.21 13.06
CA ILE E 74 0.08 0.95 13.54
C ILE E 74 0.04 0.95 15.08
N GLU E 75 1.11 0.45 15.69
CA GLU E 75 1.19 0.38 17.15
C GLU E 75 2.22 1.37 17.65
N LEU E 76 1.97 1.90 18.85
CA LEU E 76 2.84 2.88 19.46
C LEU E 76 3.26 2.41 20.85
N MET E 77 4.43 2.82 21.30
CA MET E 77 4.87 2.44 22.65
C MET E 77 4.24 3.33 23.71
N GLU E 78 3.99 4.58 23.33
CA GLU E 78 3.30 5.56 24.15
C GLU E 78 2.06 6.06 23.39
N PRO E 79 0.98 6.41 24.13
CA PRO E 79 -0.25 6.94 23.51
C PRO E 79 -0.02 8.21 22.71
N LEU E 80 -0.89 8.48 21.74
CA LEU E 80 -0.82 9.71 20.94
C LEU E 80 -1.02 10.94 21.81
N ASP E 81 -0.26 12.00 21.52
CA ASP E 81 -0.33 13.26 22.27
C ASP E 81 -1.20 14.30 21.57
N GLU E 82 -1.91 13.87 20.52
CA GLU E 82 -2.72 14.77 19.69
C GLU E 82 -3.67 13.92 18.88
N GLU E 83 -4.75 14.51 18.38
CA GLU E 83 -5.54 13.80 17.37
C GLU E 83 -4.75 13.87 16.06
N ILE E 84 -4.79 12.78 15.31
CA ILE E 84 -4.32 12.76 13.91
C ILE E 84 -5.49 12.42 13.00
N SER E 85 -5.42 12.84 11.74
CA SER E 85 -6.46 12.57 10.77
C SER E 85 -5.91 12.76 9.35
N GLY E 86 -6.68 12.32 8.37
CA GLY E 86 -6.33 12.51 6.97
C GLY E 86 -5.18 11.60 6.60
N ILE E 87 -4.27 12.11 5.79
CA ILE E 87 -3.14 11.32 5.32
C ILE E 87 -2.02 11.42 6.32
N VAL E 88 -1.51 10.28 6.73
CA VAL E 88 -0.48 10.26 7.76
C VAL E 88 0.62 9.36 7.28
N GLU E 89 1.86 9.79 7.45
CA GLU E 89 2.99 8.94 7.06
C GLU E 89 3.74 8.45 8.30
N VAL E 90 3.83 7.14 8.43
CA VAL E 90 4.42 6.45 9.57
C VAL E 90 5.76 5.85 9.21
N VAL E 91 6.76 6.10 10.04
CA VAL E 91 8.02 5.37 9.99
C VAL E 91 8.01 4.38 11.16
N GLY E 92 8.37 3.13 10.89
CA GLY E 92 8.44 2.15 11.96
C GLY E 92 9.04 0.86 11.49
N ARG E 93 8.95 -0.16 12.33
CA ARG E 93 9.43 -1.49 11.98
C ARG E 93 8.27 -2.45 11.94
N VAL E 94 8.24 -3.29 10.90
CA VAL E 94 7.16 -4.26 10.78
C VAL E 94 7.34 -5.31 11.90
N THR E 95 6.29 -5.55 12.68
CA THR E 95 6.36 -6.50 13.79
C THR E 95 6.16 -7.94 13.29
N ALA E 96 6.37 -8.90 14.20
CA ALA E 96 6.14 -10.32 13.92
C ALA E 96 4.72 -10.60 13.43
N LYS E 97 3.78 -9.76 13.85
CA LYS E 97 2.36 -9.90 13.52
C LYS E 97 1.95 -9.12 12.26
N ALA E 98 2.93 -8.61 11.52
CA ALA E 98 2.69 -7.78 10.32
C ALA E 98 1.89 -6.50 10.63
N THR E 99 2.12 -5.93 11.81
CA THR E 99 1.67 -4.59 12.12
C THR E 99 2.94 -3.73 12.07
N ILE E 100 2.81 -2.44 12.30
CA ILE E 100 3.97 -1.57 12.33
C ILE E 100 4.12 -0.91 13.69
N LEU E 101 5.27 -1.13 14.32
CA LEU E 101 5.66 -0.36 15.49
C LEU E 101 6.27 0.97 15.04
N CYS E 102 5.47 2.01 15.19
CA CYS E 102 5.77 3.34 14.73
C CYS E 102 6.73 4.07 15.65
N THR E 103 7.81 4.63 15.08
CA THR E 103 8.74 5.46 15.84
C THR E 103 8.61 6.96 15.53
N SER E 104 7.97 7.29 14.41
CA SER E 104 7.63 8.68 14.11
C SER E 104 6.55 8.76 13.04
N TYR E 105 5.91 9.91 12.95
CA TYR E 105 4.88 10.10 11.94
C TYR E 105 4.76 11.59 11.61
N VAL E 106 4.23 11.87 10.43
CA VAL E 106 3.96 13.21 9.95
C VAL E 106 2.55 13.17 9.37
N GLN E 107 1.70 14.12 9.73
CA GLN E 107 0.45 14.28 9.00
C GLN E 107 0.71 15.16 7.76
N PHE E 108 0.26 14.69 6.60
CA PHE E 108 0.42 15.44 5.36
C PHE E 108 -0.58 16.59 5.30
N LYS E 109 -0.11 17.81 5.09
CA LYS E 109 -1.02 18.96 4.95
C LYS E 109 -1.78 18.89 3.63
N GLU E 110 -3.10 19.01 3.72
CA GLU E 110 -3.98 19.00 2.57
C GLU E 110 -4.92 20.21 2.58
N ASP E 111 -4.49 21.31 3.18
CA ASP E 111 -5.38 22.48 3.41
C ASP E 111 -5.68 23.29 2.14
N SER E 112 -4.99 22.96 1.05
CA SER E 112 -5.23 23.59 -0.24
C SER E 112 -5.39 22.56 -1.38
N HIS E 113 -4.81 21.37 -1.17
CA HIS E 113 -4.72 20.36 -2.21
C HIS E 113 -4.87 18.97 -1.62
N PRO E 114 -5.95 18.26 -1.99
CA PRO E 114 -6.13 16.88 -1.51
C PRO E 114 -5.03 15.97 -2.06
N PHE E 115 -4.53 15.08 -1.21
CA PHE E 115 -3.45 14.18 -1.58
C PHE E 115 -4.01 12.97 -2.31
N ASP E 116 -3.43 12.66 -3.48
CA ASP E 116 -3.89 11.53 -4.25
C ASP E 116 -3.17 10.28 -3.78
N LEU E 117 -3.86 9.48 -2.97
CA LEU E 117 -3.26 8.30 -2.34
C LEU E 117 -3.19 7.14 -3.31
N GLY E 118 -4.16 7.07 -4.24
CA GLY E 118 -4.13 6.09 -5.32
C GLY E 118 -2.90 6.22 -6.21
N LEU E 119 -2.55 7.44 -6.54
CA LEU E 119 -1.34 7.76 -7.32
C LEU E 119 -0.07 7.44 -6.52
N TYR E 120 -0.05 7.82 -5.24
CA TYR E 120 1.04 7.42 -4.33
C TYR E 120 1.26 5.90 -4.34
N ASN E 121 0.17 5.15 -4.24
CA ASN E 121 0.24 3.70 -4.31
C ASN E 121 0.93 3.17 -5.58
N GLU E 122 0.61 3.79 -6.72
CA GLU E 122 1.30 3.46 -7.96
C GLU E 122 2.77 3.74 -7.87
N ALA E 123 3.14 4.88 -7.25
CA ALA E 123 4.56 5.19 -7.02
C ALA E 123 5.26 4.09 -6.23
N VAL E 124 4.61 3.64 -5.17
CA VAL E 124 5.10 2.52 -4.36
C VAL E 124 5.37 1.25 -5.18
N LYS E 125 4.45 0.85 -6.05
CA LYS E 125 4.66 -0.32 -6.92
C LYS E 125 5.86 -0.11 -7.84
N ILE E 126 5.99 1.11 -8.37
CA ILE E 126 7.10 1.48 -9.26
C ILE E 126 8.45 1.45 -8.54
N ILE E 127 8.49 1.99 -7.32
CA ILE E 127 9.68 1.87 -6.48
C ILE E 127 10.16 0.42 -6.39
N HIS E 128 9.24 -0.49 -6.12
CA HIS E 128 9.61 -1.89 -5.94
C HIS E 128 9.95 -2.65 -7.23
N ASP E 129 9.42 -2.18 -8.35
CA ASP E 129 9.74 -2.77 -9.66
C ASP E 129 11.05 -2.28 -10.26
N PHE E 130 11.47 -1.08 -9.85
CA PHE E 130 12.71 -0.48 -10.39
C PHE E 130 13.72 -0.07 -9.32
N PRO E 131 14.17 -1.04 -8.49
CA PRO E 131 15.11 -0.70 -7.44
C PRO E 131 16.42 -0.10 -7.96
N GLN E 132 16.80 -0.41 -9.21
CA GLN E 132 18.02 0.16 -9.77
C GLN E 132 17.93 1.68 -9.91
N PHE E 133 16.70 2.22 -9.96
CA PHE E 133 16.50 3.66 -10.14
C PHE E 133 15.96 4.37 -8.90
N TYR E 134 15.77 3.60 -7.82
CA TYR E 134 15.33 4.12 -6.52
C TYR E 134 15.92 3.19 -5.44
N PRO E 135 17.24 3.33 -5.17
CA PRO E 135 17.94 2.40 -4.28
C PRO E 135 17.54 2.54 -2.82
N LEU E 136 17.49 1.40 -2.16
CA LEU E 136 17.34 1.34 -0.71
C LEU E 136 18.71 1.29 -0.05
N GLY E 137 19.13 2.42 0.52
CA GLY E 137 20.40 2.49 1.20
C GLY E 137 21.54 2.69 0.24
N ILE E 138 22.76 2.70 0.76
CA ILE E 138 23.94 2.94 -0.08
C ILE E 138 24.25 1.69 -0.91
N VAL E 139 24.53 1.91 -2.19
CA VAL E 139 24.69 0.83 -3.15
C VAL E 139 25.96 0.96 -4.01
N VAL F 23 -0.75 24.33 -43.56
CA VAL F 23 -0.08 25.01 -44.72
C VAL F 23 1.45 24.83 -44.74
N ASP F 24 1.93 23.74 -45.35
CA ASP F 24 1.06 22.75 -46.01
C ASP F 24 0.56 21.67 -45.01
N MET F 25 1.50 20.92 -44.43
CA MET F 25 1.13 19.86 -43.48
C MET F 25 1.09 20.34 -42.04
N MET F 26 0.92 21.64 -41.86
CA MET F 26 0.74 22.20 -40.52
C MET F 26 -0.60 21.78 -39.94
N ASP F 27 -1.50 21.31 -40.79
CA ASP F 27 -2.78 20.78 -40.32
C ASP F 27 -2.88 19.25 -40.36
N LEU F 28 -1.74 18.58 -40.47
CA LEU F 28 -1.66 17.12 -40.35
C LEU F 28 -0.77 16.76 -39.16
N PRO F 29 -0.97 15.56 -38.58
CA PRO F 29 0.02 15.07 -37.60
C PRO F 29 1.37 14.80 -38.27
N ARG F 30 2.45 15.13 -37.56
CA ARG F 30 3.82 14.90 -38.02
C ARG F 30 4.58 14.10 -36.97
N SER F 31 5.15 12.98 -37.38
CA SER F 31 5.88 12.10 -36.49
C SER F 31 7.27 12.62 -36.21
N ARG F 32 7.65 12.62 -34.94
CA ARG F 32 9.00 12.98 -34.54
C ARG F 32 9.88 11.76 -34.74
N ILE F 33 10.91 11.89 -35.57
CA ILE F 33 11.73 10.76 -35.95
C ILE F 33 13.21 11.07 -35.77
N ASN F 34 14.03 10.03 -35.91
CA ASN F 34 15.47 10.22 -36.15
C ASN F 34 15.84 9.68 -37.54
N ALA F 35 17.11 9.77 -37.90
CA ALA F 35 17.55 9.39 -39.27
C ALA F 35 17.35 7.90 -39.58
N GLY F 36 17.52 7.05 -38.57
CA GLY F 36 17.26 5.62 -38.69
C GLY F 36 15.82 5.25 -39.01
N MET F 37 14.89 6.19 -38.79
CA MET F 37 13.49 5.95 -39.08
C MET F 37 13.05 6.43 -40.47
N LEU F 38 13.89 7.20 -41.15
CA LEU F 38 13.53 7.81 -42.44
C LEU F 38 12.99 6.81 -43.45
N ALA F 39 13.66 5.66 -43.54
CA ALA F 39 13.28 4.58 -44.46
C ALA F 39 11.93 3.94 -44.14
N GLN F 40 11.52 3.99 -42.87
CA GLN F 40 10.22 3.48 -42.44
C GLN F 40 9.08 4.52 -42.64
N PHE F 41 9.46 5.76 -42.94
CA PHE F 41 8.50 6.87 -42.99
C PHE F 41 8.45 7.57 -44.36
N ILE F 42 8.76 6.84 -45.42
CA ILE F 42 8.69 7.42 -46.77
C ILE F 42 7.29 7.97 -47.10
N ASP F 43 7.27 9.22 -47.54
CA ASP F 43 6.07 9.94 -47.98
C ASP F 43 5.19 10.38 -46.81
N LYS F 44 5.75 10.38 -45.61
CA LYS F 44 4.99 10.76 -44.43
C LYS F 44 5.42 12.12 -43.88
N PRO F 45 4.47 12.89 -43.34
CA PRO F 45 4.82 14.15 -42.66
C PRO F 45 5.63 13.85 -41.38
N VAL F 46 6.75 14.54 -41.23
CA VAL F 46 7.64 14.28 -40.09
C VAL F 46 8.13 15.57 -39.49
N CYS F 47 8.72 15.43 -38.30
CA CYS F 47 9.38 16.50 -37.62
C CYS F 47 10.77 15.95 -37.22
N PHE F 48 11.83 16.55 -37.76
CA PHE F 48 13.20 16.07 -37.56
C PHE F 48 13.98 17.13 -36.83
N VAL F 49 14.45 16.79 -35.63
CA VAL F 49 15.28 17.69 -34.84
C VAL F 49 16.72 17.20 -34.95
N GLY F 50 17.64 18.13 -35.16
CA GLY F 50 19.03 17.72 -35.30
C GLY F 50 19.98 18.89 -35.24
N ARG F 51 21.26 18.59 -35.21
CA ARG F 51 22.30 19.59 -35.28
C ARG F 51 22.78 19.85 -36.68
N LEU F 52 22.87 21.11 -37.03
CA LEU F 52 23.32 21.52 -38.34
C LEU F 52 24.75 21.11 -38.57
N GLU F 53 24.97 20.29 -39.58
CA GLU F 53 26.27 19.81 -39.95
C GLU F 53 26.84 20.56 -41.12
N LYS F 54 26.04 20.74 -42.17
CA LYS F 54 26.52 21.34 -43.42
C LYS F 54 25.38 22.07 -44.10
N ILE F 55 25.64 23.27 -44.61
CA ILE F 55 24.71 23.95 -45.52
C ILE F 55 25.21 23.78 -46.99
N HIS F 56 24.32 23.35 -47.88
CA HIS F 56 24.66 23.07 -49.29
C HIS F 56 25.13 24.33 -50.02
N PRO F 57 26.09 24.20 -50.97
CA PRO F 57 26.57 25.38 -51.71
C PRO F 57 25.42 26.22 -52.32
N THR F 58 24.39 25.55 -52.82
CA THR F 58 23.20 26.20 -53.39
C THR F 58 22.32 26.95 -52.36
N GLY F 59 22.46 26.59 -51.08
CA GLY F 59 21.57 27.11 -50.03
C GLY F 59 20.16 26.54 -50.05
N LYS F 60 19.93 25.52 -50.89
CA LYS F 60 18.62 24.87 -50.99
C LYS F 60 18.62 23.48 -50.33
N MET F 61 19.64 23.24 -49.52
CA MET F 61 19.81 21.97 -48.84
C MET F 61 20.65 22.17 -47.58
N PHE F 62 20.35 21.40 -46.54
CA PHE F 62 21.28 21.32 -45.40
C PHE F 62 21.21 19.96 -44.73
N ILE F 63 22.28 19.60 -44.03
CA ILE F 63 22.37 18.30 -43.38
C ILE F 63 22.27 18.44 -41.86
N LEU F 64 21.39 17.64 -41.26
CA LEU F 64 21.23 17.64 -39.80
C LEU F 64 21.63 16.32 -39.25
N SER F 65 22.33 16.39 -38.12
CA SER F 65 22.75 15.24 -37.34
C SER F 65 21.77 14.99 -36.18
N ASP F 66 21.22 13.78 -36.08
CA ASP F 66 20.32 13.42 -34.95
C ASP F 66 21.08 13.05 -33.65
N GLY F 67 20.34 12.66 -32.62
CA GLY F 67 20.92 12.37 -31.30
C GLY F 67 21.77 11.12 -31.24
N GLU F 68 21.69 10.29 -32.28
CA GLU F 68 22.49 9.08 -32.45
C GLU F 68 23.72 9.31 -33.34
N GLY F 69 23.95 10.55 -33.77
CA GLY F 69 25.08 10.87 -34.68
C GLY F 69 24.81 10.55 -36.14
N LYS F 70 23.55 10.31 -36.49
CA LYS F 70 23.16 9.93 -37.85
C LYS F 70 22.56 11.09 -38.66
N ASN F 71 22.91 11.14 -39.95
CA ASN F 71 22.60 12.30 -40.78
C ASN F 71 21.31 12.17 -41.53
N GLY F 72 20.60 13.29 -41.60
CA GLY F 72 19.42 13.44 -42.44
C GLY F 72 19.61 14.63 -43.37
N THR F 73 19.23 14.45 -44.64
CA THR F 73 19.35 15.49 -45.64
C THR F 73 18.04 16.28 -45.76
N ILE F 74 18.12 17.58 -45.61
CA ILE F 74 16.95 18.43 -45.66
C ILE F 74 16.96 19.24 -46.97
N GLU F 75 15.92 19.06 -47.78
CA GLU F 75 15.78 19.78 -49.04
C GLU F 75 14.84 20.96 -48.87
N LEU F 76 15.20 22.09 -49.47
CA LEU F 76 14.47 23.34 -49.34
C LEU F 76 13.77 23.79 -50.62
N MET F 77 12.60 24.38 -50.44
CA MET F 77 11.72 24.88 -51.49
C MET F 77 12.41 26.04 -52.22
N GLU F 78 13.13 26.84 -51.45
CA GLU F 78 13.78 28.07 -51.89
C GLU F 78 15.01 28.26 -50.99
N PRO F 79 16.06 28.96 -51.50
CA PRO F 79 17.30 29.14 -50.74
C PRO F 79 17.09 29.75 -49.35
N LEU F 80 17.98 29.41 -48.42
CA LEU F 80 17.96 30.02 -47.08
C LEU F 80 18.10 31.54 -47.15
N ASP F 81 17.32 32.23 -46.31
CA ASP F 81 17.31 33.68 -46.17
C ASP F 81 18.33 34.16 -45.15
N GLU F 82 18.88 33.22 -44.40
CA GLU F 82 19.56 33.52 -43.16
C GLU F 82 20.60 32.48 -42.84
N GLU F 83 21.49 32.82 -41.90
CA GLU F 83 22.45 31.88 -41.37
C GLU F 83 21.74 30.98 -40.36
N ILE F 84 21.83 29.67 -40.56
CA ILE F 84 21.37 28.73 -39.53
C ILE F 84 22.53 27.92 -38.94
N SER F 85 22.40 27.57 -37.67
CA SER F 85 23.39 26.82 -36.91
C SER F 85 22.74 26.22 -35.67
N GLY F 86 23.50 25.36 -34.98
CA GLY F 86 23.06 24.68 -33.76
C GLY F 86 21.89 23.73 -34.00
N ILE F 87 20.95 23.69 -33.07
CA ILE F 87 19.85 22.76 -33.18
C ILE F 87 18.70 23.35 -34.00
N VAL F 88 18.23 22.56 -34.96
CA VAL F 88 17.19 23.01 -35.89
C VAL F 88 16.12 21.94 -35.94
N GLU F 89 14.87 22.38 -35.90
CA GLU F 89 13.75 21.47 -36.01
C GLU F 89 13.08 21.67 -37.37
N VAL F 90 12.98 20.60 -38.15
CA VAL F 90 12.42 20.69 -39.49
C VAL F 90 11.08 19.99 -39.55
N VAL F 91 10.09 20.67 -40.11
CA VAL F 91 8.85 20.00 -40.53
C VAL F 91 8.88 19.75 -42.04
N GLY F 92 8.49 18.56 -42.47
CA GLY F 92 8.45 18.28 -43.88
C GLY F 92 7.93 16.89 -44.18
N ARG F 93 8.10 16.46 -45.42
CA ARG F 93 7.67 15.15 -45.86
C ARG F 93 8.89 14.36 -46.30
N VAL F 94 8.97 13.08 -45.92
CA VAL F 94 10.07 12.22 -46.35
C VAL F 94 9.89 11.91 -47.85
N THR F 95 10.94 12.15 -48.64
CA THR F 95 10.90 11.91 -50.08
C THR F 95 11.15 10.43 -50.37
N ALA F 96 10.95 10.03 -51.63
CA ALA F 96 11.26 8.67 -52.08
C ALA F 96 12.71 8.29 -51.79
N LYS F 97 13.59 9.28 -51.74
CA LYS F 97 15.02 9.09 -51.50
C LYS F 97 15.41 9.14 -50.02
N ALA F 98 14.42 9.13 -49.13
CA ALA F 98 14.66 9.20 -47.68
C ALA F 98 15.42 10.47 -47.28
N THR F 99 15.11 11.57 -47.96
CA THR F 99 15.52 12.90 -47.53
C THR F 99 14.23 13.54 -47.04
N ILE F 100 14.28 14.77 -46.55
CA ILE F 100 13.06 15.45 -46.12
C ILE F 100 12.91 16.73 -46.91
N LEU F 101 11.79 16.87 -47.61
CA LEU F 101 11.44 18.15 -48.23
C LEU F 101 10.79 19.02 -47.17
N CYS F 102 11.50 20.08 -46.77
CA CYS F 102 11.13 20.90 -45.62
C CYS F 102 10.07 21.95 -45.99
N THR F 103 9.05 22.06 -45.13
CA THR F 103 7.96 23.05 -45.25
C THR F 103 8.20 24.23 -44.31
N SER F 104 8.75 23.96 -43.12
CA SER F 104 9.20 25.02 -42.22
C SER F 104 10.26 24.49 -41.29
N TYR F 105 10.98 25.38 -40.64
CA TYR F 105 11.99 24.98 -39.69
C TYR F 105 12.09 26.05 -38.64
N VAL F 106 12.57 25.67 -37.46
CA VAL F 106 12.80 26.60 -36.36
C VAL F 106 14.15 26.25 -35.75
N GLN F 107 14.94 27.27 -35.46
CA GLN F 107 16.21 27.09 -34.75
C GLN F 107 15.89 27.12 -33.26
N PHE F 108 16.36 26.11 -32.52
CA PHE F 108 16.15 26.07 -31.06
C PHE F 108 17.08 27.08 -30.39
N LYS F 109 16.49 27.99 -29.63
CA LYS F 109 17.22 28.95 -28.80
C LYS F 109 18.07 28.22 -27.77
N GLU F 110 19.37 28.49 -27.78
CA GLU F 110 20.32 27.79 -26.92
C GLU F 110 21.24 28.71 -26.13
N ASP F 111 21.03 30.02 -26.21
CA ASP F 111 21.96 30.96 -25.56
C ASP F 111 22.16 30.64 -24.08
N SER F 112 21.06 30.49 -23.34
CA SER F 112 21.16 30.24 -21.91
C SER F 112 21.47 28.77 -21.54
N HIS F 113 20.93 27.82 -22.30
CA HIS F 113 21.07 26.40 -21.97
C HIS F 113 21.23 25.52 -23.21
N PRO F 114 22.37 24.80 -23.30
CA PRO F 114 22.58 23.84 -24.39
C PRO F 114 21.50 22.75 -24.42
N PHE F 115 20.99 22.48 -25.62
CA PHE F 115 19.97 21.46 -25.82
C PHE F 115 20.59 20.08 -25.82
N ASP F 116 20.01 19.15 -25.04
CA ASP F 116 20.55 17.79 -24.97
C ASP F 116 19.88 16.97 -26.05
N LEU F 117 20.57 16.86 -27.20
CA LEU F 117 20.02 16.13 -28.33
C LEU F 117 19.95 14.62 -28.11
N GLY F 118 20.91 14.08 -27.35
CA GLY F 118 20.89 12.65 -27.03
C GLY F 118 19.67 12.27 -26.18
N LEU F 119 19.35 13.14 -25.22
CA LEU F 119 18.13 12.98 -24.41
C LEU F 119 16.89 13.07 -25.32
N TYR F 120 16.87 14.07 -26.20
CA TYR F 120 15.77 14.18 -27.16
C TYR F 120 15.59 12.87 -27.95
N ASN F 121 16.70 12.32 -28.43
CA ASN F 121 16.65 11.06 -29.14
C ASN F 121 15.99 9.91 -28.33
N GLU F 122 16.33 9.79 -27.04
CA GLU F 122 15.62 8.81 -26.19
C GLU F 122 14.10 9.06 -26.15
N ALA F 123 13.70 10.33 -26.02
CA ALA F 123 12.27 10.67 -26.08
C ALA F 123 11.60 10.23 -27.39
N VAL F 124 12.28 10.45 -28.52
CA VAL F 124 11.79 9.96 -29.81
C VAL F 124 11.54 8.44 -29.78
N LYS F 125 12.48 7.69 -29.19
CA LYS F 125 12.36 6.24 -29.15
C LYS F 125 11.16 5.83 -28.27
N ILE F 126 11.00 6.53 -27.16
CA ILE F 126 9.86 6.34 -26.24
C ILE F 126 8.51 6.68 -26.90
N ILE F 127 8.46 7.79 -27.65
CA ILE F 127 7.26 8.11 -28.45
C ILE F 127 6.83 6.91 -29.29
N HIS F 128 7.80 6.31 -29.96
CA HIS F 128 7.50 5.20 -30.84
C HIS F 128 7.27 3.84 -30.16
N ASP F 129 7.84 3.66 -28.98
CA ASP F 129 7.60 2.48 -28.16
C ASP F 129 6.24 2.54 -27.46
N PHE F 130 5.72 3.74 -27.23
CA PHE F 130 4.49 3.91 -26.45
C PHE F 130 3.44 4.79 -27.13
N PRO F 131 2.99 4.40 -28.33
CA PRO F 131 2.05 5.23 -29.08
C PRO F 131 0.73 5.46 -28.35
N GLN F 132 0.30 4.51 -27.51
CA GLN F 132 -0.91 4.65 -26.69
C GLN F 132 -0.86 5.87 -25.76
N PHE F 133 0.34 6.33 -25.42
CA PHE F 133 0.50 7.47 -24.50
C PHE F 133 1.03 8.72 -25.17
N TYR F 134 1.16 8.69 -26.51
CA TYR F 134 1.59 9.84 -27.32
C TYR F 134 1.01 9.63 -28.71
N PRO F 135 -0.29 9.87 -28.89
CA PRO F 135 -0.90 9.49 -30.18
C PRO F 135 -0.50 10.38 -31.35
N LEU F 136 -0.43 9.80 -32.51
CA LEU F 136 -0.36 10.54 -33.73
C LEU F 136 -1.76 10.79 -34.26
N GLY F 137 -2.22 12.02 -34.13
CA GLY F 137 -3.53 12.43 -34.60
C GLY F 137 -4.68 11.89 -33.81
N ILE F 138 -5.89 12.04 -34.33
CA ILE F 138 -7.07 11.54 -33.63
C ILE F 138 -7.28 10.03 -33.76
N VAL F 139 -7.28 9.54 -34.99
CA VAL F 139 -6.08 9.21 -35.78
C VAL F 139 -5.33 10.37 -36.48
N GLN F 140 -6.03 11.32 -37.11
CA GLN F 140 -5.36 12.47 -37.70
C GLN F 140 -5.73 13.89 -37.19
N HIS F 141 -5.79 14.85 -38.11
CA HIS F 141 -6.44 16.15 -37.93
C HIS F 141 -6.11 17.04 -39.14
N VAL G 23 -26.39 4.29 19.22
CA VAL G 23 -27.85 4.40 19.00
C VAL G 23 -28.28 3.51 17.82
N ASP G 24 -27.50 3.54 16.75
CA ASP G 24 -27.72 2.79 15.50
C ASP G 24 -27.54 1.27 15.71
N MET G 25 -28.67 0.56 15.80
CA MET G 25 -28.70 -0.85 16.22
C MET G 25 -28.54 -1.87 15.09
N MET G 26 -27.78 -1.48 14.07
CA MET G 26 -27.46 -2.38 12.96
C MET G 26 -26.62 -3.57 13.38
N ASP G 27 -25.90 -3.43 14.49
CA ASP G 27 -25.01 -4.48 15.00
C ASP G 27 -25.65 -5.41 16.02
N LEU G 28 -26.98 -5.32 16.14
CA LEU G 28 -27.75 -6.13 17.08
C LEU G 28 -28.91 -6.79 16.35
N PRO G 29 -29.43 -7.91 16.91
CA PRO G 29 -30.68 -8.48 16.42
C PRO G 29 -31.84 -7.52 16.72
N ARG G 30 -32.77 -7.44 15.79
CA ARG G 30 -33.96 -6.62 15.92
C ARG G 30 -35.16 -7.52 15.70
N SER G 31 -36.09 -7.46 16.65
CA SER G 31 -37.23 -8.34 16.64
C SER G 31 -38.33 -7.81 15.70
N ARG G 32 -38.82 -8.66 14.81
CA ARG G 32 -39.94 -8.28 13.94
C ARG G 32 -41.24 -8.34 14.73
N ILE G 33 -41.87 -7.20 14.93
CA ILE G 33 -43.08 -7.12 15.76
C ILE G 33 -44.32 -6.50 15.05
N ASN G 34 -45.45 -6.60 15.73
CA ASN G 34 -46.64 -5.83 15.41
C ASN G 34 -47.00 -4.92 16.58
N ALA G 35 -48.08 -4.18 16.47
CA ALA G 35 -48.41 -3.16 17.49
C ALA G 35 -48.75 -3.79 18.84
N GLY G 36 -49.40 -4.94 18.83
CA GLY G 36 -49.76 -5.63 20.07
C GLY G 36 -48.57 -6.21 20.83
N MET G 37 -47.38 -6.10 20.27
CA MET G 37 -46.16 -6.60 20.91
C MET G 37 -45.33 -5.48 21.52
N LEU G 38 -45.70 -4.24 21.21
CA LEU G 38 -44.91 -3.08 21.63
C LEU G 38 -44.68 -3.05 23.14
N ALA G 39 -45.73 -3.38 23.90
CA ALA G 39 -45.69 -3.35 25.37
C ALA G 39 -44.83 -4.49 25.96
N GLN G 40 -44.66 -5.57 25.21
CA GLN G 40 -43.81 -6.69 25.63
C GLN G 40 -42.34 -6.43 25.30
N PHE G 41 -42.06 -5.40 24.50
CA PHE G 41 -40.71 -5.12 23.98
C PHE G 41 -40.12 -3.78 24.37
N ILE G 42 -40.58 -3.22 25.49
CA ILE G 42 -40.05 -1.92 25.96
C ILE G 42 -38.52 -1.96 26.05
N ASP G 43 -37.88 -0.94 25.50
CA ASP G 43 -36.42 -0.80 25.50
C ASP G 43 -35.63 -1.78 24.62
N LYS G 44 -36.34 -2.61 23.85
CA LYS G 44 -35.69 -3.58 22.95
C LYS G 44 -35.62 -3.06 21.51
N PRO G 45 -34.56 -3.47 20.75
CA PRO G 45 -34.51 -3.15 19.32
C PRO G 45 -35.53 -3.95 18.56
N VAL G 46 -36.28 -3.27 17.71
CA VAL G 46 -37.36 -3.91 16.98
C VAL G 46 -37.36 -3.50 15.52
N CYS G 47 -38.14 -4.23 14.72
CA CYS G 47 -38.34 -3.95 13.31
C CYS G 47 -39.85 -3.96 13.08
N PHE G 48 -40.43 -2.78 12.82
CA PHE G 48 -41.87 -2.64 12.65
C PHE G 48 -42.21 -2.34 11.18
N VAL G 49 -42.91 -3.27 10.52
CA VAL G 49 -43.39 -3.06 9.15
C VAL G 49 -44.87 -2.66 9.22
N GLY G 50 -45.23 -1.59 8.54
CA GLY G 50 -46.60 -1.16 8.44
C GLY G 50 -46.92 -0.13 7.36
N ARG G 51 -48.20 0.18 7.19
CA ARG G 51 -48.68 1.13 6.19
C ARG G 51 -48.74 2.50 6.79
N LEU G 52 -48.12 3.46 6.16
CA LEU G 52 -48.17 4.82 6.62
C LEU G 52 -49.56 5.44 6.69
N GLU G 53 -49.98 5.76 7.90
CA GLU G 53 -51.27 6.33 8.17
C GLU G 53 -51.31 7.84 8.28
N LYS G 54 -50.30 8.44 8.90
CA LYS G 54 -50.33 9.85 9.23
C LYS G 54 -48.90 10.29 9.46
N ILE G 55 -48.50 11.45 8.95
CA ILE G 55 -47.26 12.09 9.33
C ILE G 55 -47.60 13.36 10.11
N HIS G 56 -46.99 13.51 11.28
CA HIS G 56 -47.15 14.71 12.12
C HIS G 56 -46.64 15.96 11.40
N PRO G 57 -47.34 17.12 11.59
CA PRO G 57 -46.93 18.38 10.95
C PRO G 57 -45.47 18.77 11.17
N THR G 58 -44.89 18.43 12.32
CA THR G 58 -43.45 18.67 12.55
C THR G 58 -42.55 17.80 11.67
N GLY G 59 -43.07 16.64 11.23
CA GLY G 59 -42.29 15.66 10.47
C GLY G 59 -41.38 14.81 11.34
N LYS G 60 -41.54 14.94 12.66
CA LYS G 60 -40.72 14.24 13.64
C LYS G 60 -41.47 13.06 14.27
N MET G 61 -42.63 12.73 13.71
CA MET G 61 -43.46 11.63 14.15
C MET G 61 -44.29 11.16 12.96
N PHE G 62 -44.56 9.86 12.91
CA PHE G 62 -45.56 9.29 12.01
C PHE G 62 -46.24 8.05 12.59
N ILE G 63 -47.35 7.65 11.98
CA ILE G 63 -48.11 6.50 12.45
C ILE G 63 -48.10 5.44 11.37
N LEU G 64 -47.77 4.21 11.75
CA LEU G 64 -47.90 3.04 10.88
C LEU G 64 -48.93 2.09 11.45
N SER G 65 -49.74 1.51 10.56
CA SER G 65 -50.70 0.47 10.96
C SER G 65 -50.14 -0.90 10.56
N ASP G 66 -50.26 -1.87 11.45
CA ASP G 66 -49.75 -3.20 11.16
C ASP G 66 -50.75 -4.00 10.33
N GLY G 67 -50.41 -5.26 10.02
CA GLY G 67 -51.32 -6.13 9.27
C GLY G 67 -52.58 -6.57 10.00
N GLU G 68 -52.72 -6.17 11.26
CA GLU G 68 -53.93 -6.34 12.05
C GLU G 68 -54.70 -5.03 12.16
N GLY G 69 -54.23 -4.00 11.46
CA GLY G 69 -54.86 -2.68 11.47
C GLY G 69 -54.69 -1.92 12.76
N LYS G 70 -53.67 -2.29 13.54
CA LYS G 70 -53.38 -1.60 14.78
C LYS G 70 -52.18 -0.68 14.60
N ASN G 71 -52.24 0.48 15.23
CA ASN G 71 -51.26 1.55 14.99
C ASN G 71 -50.04 1.53 15.90
N GLY G 72 -48.90 1.85 15.31
CA GLY G 72 -47.68 2.09 16.03
C GLY G 72 -47.23 3.51 15.76
N THR G 73 -46.88 4.22 16.82
CA THR G 73 -46.34 5.57 16.73
C THR G 73 -44.82 5.54 16.61
N ILE G 74 -44.31 6.21 15.57
CA ILE G 74 -42.89 6.23 15.28
C ILE G 74 -42.37 7.65 15.50
N GLU G 75 -41.36 7.76 16.37
CA GLU G 75 -40.72 9.04 16.66
C GLU G 75 -39.35 9.12 16.02
N LEU G 76 -38.96 10.35 15.66
CA LEU G 76 -37.69 10.62 15.02
C LEU G 76 -36.95 11.69 15.80
N MET G 77 -35.62 11.66 15.73
CA MET G 77 -34.78 12.71 16.33
C MET G 77 -34.70 13.98 15.46
N GLU G 78 -34.66 13.78 14.14
CA GLU G 78 -34.72 14.88 13.17
C GLU G 78 -35.95 14.70 12.25
N PRO G 79 -36.57 15.81 11.79
CA PRO G 79 -37.73 15.71 10.88
C PRO G 79 -37.43 14.92 9.61
N LEU G 80 -38.47 14.33 9.01
CA LEU G 80 -38.33 13.61 7.74
C LEU G 80 -37.85 14.56 6.65
N ASP G 81 -36.85 14.13 5.89
CA ASP G 81 -36.35 14.95 4.79
C ASP G 81 -37.04 14.60 3.46
N GLU G 82 -37.83 13.53 3.49
CA GLU G 82 -38.61 13.07 2.34
C GLU G 82 -39.99 12.63 2.79
N GLU G 83 -40.97 12.77 1.90
CA GLU G 83 -42.29 12.23 2.18
C GLU G 83 -42.25 10.72 2.05
N ILE G 84 -42.87 10.05 3.00
CA ILE G 84 -42.99 8.59 2.94
C ILE G 84 -44.46 8.23 2.80
N SER G 85 -44.72 7.07 2.21
CA SER G 85 -46.08 6.59 2.00
C SER G 85 -46.03 5.07 1.78
N GLY G 86 -47.19 4.43 1.86
CA GLY G 86 -47.30 3.01 1.55
C GLY G 86 -46.69 2.17 2.66
N ILE G 87 -45.99 1.10 2.28
CA ILE G 87 -45.40 0.19 3.27
C ILE G 87 -44.01 0.64 3.68
N VAL G 88 -43.83 0.82 4.99
CA VAL G 88 -42.58 1.32 5.54
C VAL G 88 -42.09 0.35 6.61
N GLU G 89 -40.81 -0.02 6.52
CA GLU G 89 -40.16 -0.86 7.53
C GLU G 89 -39.26 -0.01 8.42
N VAL G 90 -39.59 0.08 9.69
CA VAL G 90 -38.88 0.95 10.61
C VAL G 90 -37.99 0.11 11.53
N VAL G 91 -36.73 0.53 11.69
CA VAL G 91 -35.86 -0.03 12.73
C VAL G 91 -35.70 1.01 13.86
N GLY G 92 -35.89 0.58 15.11
CA GLY G 92 -35.72 1.47 16.25
C GLY G 92 -35.83 0.76 17.59
N ARG G 93 -35.88 1.53 18.67
CA ARG G 93 -36.05 0.99 20.01
C ARG G 93 -37.40 1.41 20.57
N VAL G 94 -38.13 0.46 21.13
CA VAL G 94 -39.38 0.77 21.82
C VAL G 94 -39.08 1.63 23.03
N THR G 95 -39.78 2.76 23.14
CA THR G 95 -39.66 3.68 24.26
C THR G 95 -40.46 3.20 25.47
N ALA G 96 -40.23 3.86 26.62
CA ALA G 96 -41.04 3.68 27.83
C ALA G 96 -42.55 3.83 27.58
N LYS G 97 -42.92 4.71 26.65
CA LYS G 97 -44.32 4.96 26.25
C LYS G 97 -44.85 4.04 25.14
N ALA G 98 -44.07 3.01 24.79
CA ALA G 98 -44.47 2.00 23.79
C ALA G 98 -44.66 2.59 22.39
N THR G 99 -43.84 3.58 22.09
CA THR G 99 -43.67 4.10 20.75
C THR G 99 -42.30 3.59 20.28
N ILE G 100 -41.95 3.85 19.03
CA ILE G 100 -40.63 3.45 18.54
C ILE G 100 -39.83 4.67 18.19
N LEU G 101 -38.66 4.82 18.83
CA LEU G 101 -37.69 5.79 18.38
C LEU G 101 -36.88 5.24 17.19
N CYS G 102 -37.14 5.79 16.02
CA CYS G 102 -36.65 5.26 14.75
C CYS G 102 -35.21 5.63 14.48
N THR G 103 -34.39 4.62 14.20
CA THR G 103 -33.00 4.89 13.80
C THR G 103 -32.76 4.73 12.30
N SER G 104 -33.59 3.94 11.63
CA SER G 104 -33.60 3.85 10.17
C SER G 104 -34.93 3.30 9.68
N TYR G 105 -35.20 3.49 8.38
CA TYR G 105 -36.41 2.96 7.77
C TYR G 105 -36.15 2.70 6.28
N VAL G 106 -36.91 1.77 5.73
CA VAL G 106 -36.90 1.49 4.29
C VAL G 106 -38.35 1.55 3.82
N GLN G 107 -38.59 2.25 2.71
CA GLN G 107 -39.88 2.16 2.02
C GLN G 107 -39.86 0.93 1.09
N PHE G 108 -40.82 0.02 1.27
CA PHE G 108 -40.93 -1.18 0.45
C PHE G 108 -41.49 -0.80 -0.92
N LYS G 109 -40.74 -1.11 -1.97
CA LYS G 109 -41.21 -0.79 -3.32
C LYS G 109 -42.34 -1.73 -3.74
N GLU G 110 -43.41 -1.13 -4.22
CA GLU G 110 -44.60 -1.83 -4.68
C GLU G 110 -44.92 -1.42 -6.12
N ASP G 111 -43.89 -1.25 -6.96
CA ASP G 111 -44.17 -0.82 -8.33
C ASP G 111 -44.55 -1.93 -9.28
N SER G 112 -44.37 -3.18 -8.89
CA SER G 112 -44.91 -4.28 -9.70
C SER G 112 -46.06 -5.00 -8.99
N HIS G 113 -45.95 -5.20 -7.68
CA HIS G 113 -46.94 -5.94 -6.90
C HIS G 113 -47.20 -5.28 -5.55
N PRO G 114 -48.48 -5.19 -5.14
CA PRO G 114 -48.80 -4.70 -3.80
C PRO G 114 -48.29 -5.66 -2.72
N PHE G 115 -47.75 -5.08 -1.66
CA PHE G 115 -47.30 -5.86 -0.52
C PHE G 115 -48.48 -6.36 0.32
N ASP G 116 -48.49 -7.66 0.61
CA ASP G 116 -49.52 -8.27 1.46
C ASP G 116 -49.11 -8.16 2.93
N LEU G 117 -49.55 -7.09 3.58
CA LEU G 117 -49.22 -6.84 4.98
C LEU G 117 -49.95 -7.80 5.96
N GLY G 118 -51.13 -8.28 5.58
CA GLY G 118 -51.85 -9.31 6.36
C GLY G 118 -51.06 -10.63 6.42
N LEU G 119 -50.50 -11.03 5.28
CA LEU G 119 -49.63 -12.20 5.22
C LEU G 119 -48.34 -11.97 6.00
N TYR G 120 -47.78 -10.77 5.91
CA TYR G 120 -46.60 -10.45 6.69
C TYR G 120 -46.89 -10.62 8.19
N ASN G 121 -48.03 -10.09 8.65
CA ASN G 121 -48.46 -10.24 10.05
C ASN G 121 -48.53 -11.70 10.54
N GLU G 122 -49.03 -12.59 9.69
CA GLU G 122 -48.99 -14.03 9.97
C GLU G 122 -47.56 -14.53 10.10
N ALA G 123 -46.65 -14.10 9.21
CA ALA G 123 -45.22 -14.42 9.37
C ALA G 123 -44.66 -13.95 10.73
N VAL G 124 -45.01 -12.73 11.15
CA VAL G 124 -44.65 -12.22 12.47
C VAL G 124 -45.16 -13.11 13.62
N LYS G 125 -46.42 -13.56 13.55
CA LYS G 125 -46.97 -14.46 14.58
C LYS G 125 -46.17 -15.76 14.68
N ILE G 126 -45.81 -16.30 13.52
CA ILE G 126 -45.07 -17.57 13.43
C ILE G 126 -43.62 -17.44 13.95
N ILE G 127 -42.99 -16.29 13.69
CA ILE G 127 -41.64 -16.00 14.19
C ILE G 127 -41.59 -16.08 15.71
N HIS G 128 -42.64 -15.61 16.38
CA HIS G 128 -42.68 -15.60 17.83
C HIS G 128 -43.23 -16.90 18.43
N ASP G 129 -43.95 -17.66 17.62
CA ASP G 129 -44.43 -18.97 18.02
C ASP G 129 -43.38 -20.05 17.87
N PHE G 130 -42.44 -19.85 16.95
CA PHE G 130 -41.38 -20.82 16.67
C PHE G 130 -39.98 -20.22 16.69
N PRO G 131 -39.57 -19.65 17.84
CA PRO G 131 -38.26 -19.01 17.89
C PRO G 131 -37.12 -20.01 17.65
N GLN G 132 -37.36 -21.30 17.92
CA GLN G 132 -36.36 -22.33 17.68
C GLN G 132 -35.97 -22.45 16.20
N PHE G 133 -36.88 -22.08 15.30
CA PHE G 133 -36.60 -22.12 13.87
C PHE G 133 -36.38 -20.74 13.24
N TYR G 134 -36.35 -19.70 14.07
CA TYR G 134 -36.08 -18.33 13.62
C TYR G 134 -35.41 -17.55 14.76
N PRO G 135 -34.12 -17.86 15.02
CA PRO G 135 -33.44 -17.34 16.22
C PRO G 135 -33.14 -15.85 16.16
N LEU G 136 -33.28 -15.20 17.30
CA LEU G 136 -32.84 -13.86 17.51
C LEU G 136 -31.43 -13.83 18.05
N GLY G 137 -30.50 -13.50 17.17
CA GLY G 137 -29.12 -13.47 17.54
C GLY G 137 -28.46 -14.82 17.60
N ILE G 138 -27.14 -14.80 17.63
CA ILE G 138 -26.35 -16.00 17.78
C ILE G 138 -26.65 -16.69 19.08
N VAL G 139 -26.34 -16.02 20.17
CA VAL G 139 -27.20 -15.94 21.34
C VAL G 139 -27.21 -14.51 21.86
N GLN G 140 -27.64 -13.57 21.03
CA GLN G 140 -26.94 -12.30 20.84
C GLN G 140 -27.86 -11.11 20.93
N VAL H 23 10.04 -3.43 24.17
CA VAL H 23 9.86 -4.75 23.49
C VAL H 23 10.51 -4.77 22.08
N ASP H 24 11.18 -5.88 21.72
CA ASP H 24 11.23 -7.09 22.54
C ASP H 24 12.60 -7.83 22.57
N MET H 25 12.98 -8.63 21.56
CA MET H 25 12.22 -9.02 20.36
C MET H 25 11.93 -10.54 20.43
N MET H 26 11.14 -10.91 21.42
CA MET H 26 10.91 -12.32 21.77
C MET H 26 9.97 -13.06 20.83
N ASP H 27 9.28 -12.35 19.95
CA ASP H 27 8.40 -12.99 18.98
C ASP H 27 9.05 -13.26 17.62
N LEU H 28 10.37 -13.12 17.56
CA LEU H 28 11.11 -13.29 16.32
C LEU H 28 12.20 -14.34 16.49
N PRO H 29 12.63 -14.95 15.37
CA PRO H 29 13.86 -15.74 15.45
C PRO H 29 15.04 -14.80 15.73
N ARG H 30 15.98 -15.28 16.55
CA ARG H 30 17.19 -14.57 16.90
C ARG H 30 18.35 -15.48 16.53
N SER H 31 19.26 -14.98 15.69
CA SER H 31 20.39 -15.78 15.24
C SER H 31 21.47 -15.87 16.31
N ARG H 32 21.92 -17.08 16.61
CA ARG H 32 23.07 -17.31 17.49
C ARG H 32 24.34 -17.03 16.73
N ILE H 33 25.07 -16.00 17.16
CA ILE H 33 26.24 -15.51 16.42
C ILE H 33 27.49 -15.41 17.29
N ASN H 34 28.64 -15.21 16.65
CA ASN H 34 29.82 -14.74 17.34
C ASN H 34 30.25 -13.37 16.83
N ALA H 35 31.33 -12.81 17.38
CA ALA H 35 31.71 -11.44 17.09
C ALA H 35 32.06 -11.24 15.61
N GLY H 36 32.61 -12.29 15.00
CA GLY H 36 32.97 -12.28 13.58
C GLY H 36 31.77 -12.19 12.64
N MET H 37 30.56 -12.43 13.17
CA MET H 37 29.34 -12.37 12.37
C MET H 37 28.60 -11.04 12.48
N LEU H 38 29.01 -10.19 13.43
CA LEU H 38 28.29 -8.95 13.74
C LEU H 38 28.07 -8.06 12.52
N ALA H 39 29.14 -7.87 11.75
CA ALA H 39 29.11 -7.05 10.53
C ALA H 39 28.16 -7.58 9.44
N GLN H 40 27.88 -8.88 9.47
CA GLN H 40 27.01 -9.52 8.49
C GLN H 40 25.55 -9.61 8.97
N PHE H 41 25.30 -9.16 10.20
CA PHE H 41 23.95 -9.23 10.80
C PHE H 41 23.44 -7.84 11.22
N ILE H 42 23.91 -6.77 10.55
CA ILE H 42 23.50 -5.41 10.91
C ILE H 42 21.97 -5.28 10.83
N ASP H 43 21.37 -4.70 11.86
CA ASP H 43 19.90 -4.55 12.00
C ASP H 43 19.07 -5.84 12.16
N LYS H 44 19.74 -6.97 12.42
CA LYS H 44 19.04 -8.25 12.63
C LYS H 44 18.94 -8.59 14.14
N PRO H 45 17.88 -9.32 14.56
CA PRO H 45 17.87 -9.84 15.93
C PRO H 45 18.87 -10.97 16.10
N VAL H 46 19.62 -10.91 17.19
CA VAL H 46 20.69 -11.88 17.44
C VAL H 46 20.68 -12.34 18.90
N CYS H 47 21.37 -13.46 19.12
CA CYS H 47 21.64 -14.00 20.43
C CYS H 47 23.16 -14.21 20.54
N PHE H 48 23.80 -13.46 21.43
CA PHE H 48 25.25 -13.46 21.56
C PHE H 48 25.60 -14.00 22.94
N VAL H 49 26.29 -15.14 22.98
CA VAL H 49 26.79 -15.74 24.22
C VAL H 49 28.28 -15.45 24.35
N GLY H 50 28.69 -14.90 25.50
CA GLY H 50 30.10 -14.60 25.72
C GLY H 50 30.47 -14.46 27.18
N ARG H 51 31.76 -14.27 27.42
CA ARG H 51 32.28 -14.07 28.76
C ARG H 51 32.37 -12.58 29.06
N LEU H 52 31.85 -12.18 30.22
CA LEU H 52 31.91 -10.79 30.63
C LEU H 52 33.34 -10.30 30.82
N GLU H 53 33.73 -9.33 30.00
CA GLU H 53 35.06 -8.76 30.04
C GLU H 53 35.14 -7.46 30.83
N LYS H 54 34.29 -6.48 30.50
CA LYS H 54 34.31 -5.16 31.13
C LYS H 54 32.89 -4.65 31.27
N ILE H 55 32.66 -3.85 32.31
CA ILE H 55 31.39 -3.17 32.54
C ILE H 55 31.62 -1.67 32.61
N HIS H 56 30.76 -0.92 31.95
CA HIS H 56 30.75 0.53 32.03
C HIS H 56 30.50 0.97 33.48
N PRO H 57 31.17 2.06 33.95
CA PRO H 57 31.03 2.48 35.35
C PRO H 57 29.59 2.64 35.89
N THR H 58 28.66 3.07 35.05
CA THR H 58 27.25 3.19 35.45
C THR H 58 26.31 2.11 34.85
N GLY H 59 26.92 1.11 34.20
CA GLY H 59 26.18 -0.02 33.65
C GLY H 59 25.45 0.27 32.34
N LYS H 60 25.91 1.27 31.60
CA LYS H 60 25.25 1.67 30.34
C LYS H 60 25.52 0.66 29.24
N MET H 61 26.55 -0.15 29.45
CA MET H 61 27.12 -0.96 28.39
C MET H 61 28.08 -1.98 29.01
N PHE H 62 28.30 -3.09 28.31
CA PHE H 62 29.34 -4.05 28.70
C PHE H 62 29.98 -4.75 27.51
N ILE H 63 31.10 -5.41 27.76
CA ILE H 63 31.83 -6.10 26.71
C ILE H 63 31.83 -7.59 26.99
N LEU H 64 31.43 -8.35 25.98
CA LEU H 64 31.48 -9.80 26.04
C LEU H 64 32.51 -10.36 25.08
N SER H 65 33.15 -11.44 25.52
CA SER H 65 34.14 -12.15 24.76
C SER H 65 33.52 -13.44 24.24
N ASP H 66 33.61 -13.70 22.94
CA ASP H 66 33.06 -14.95 22.39
C ASP H 66 34.02 -16.14 22.54
N GLY H 67 33.60 -17.31 22.04
CA GLY H 67 34.38 -18.55 22.12
C GLY H 67 35.68 -18.62 21.35
N GLU H 68 35.90 -17.68 20.43
CA GLU H 68 37.21 -17.56 19.79
C GLU H 68 37.95 -16.29 20.27
N GLY H 69 37.51 -15.77 21.42
CA GLY H 69 38.19 -14.68 22.12
C GLY H 69 38.02 -13.29 21.53
N LYS H 70 36.99 -13.11 20.70
CA LYS H 70 36.75 -11.82 20.08
C LYS H 70 35.61 -11.08 20.79
N ASN H 71 35.74 -9.76 20.88
CA ASN H 71 34.83 -8.93 21.68
C ASN H 71 33.62 -8.40 20.92
N GLY H 72 32.46 -8.46 21.57
CA GLY H 72 31.28 -7.74 21.11
C GLY H 72 30.90 -6.66 22.12
N THR H 73 30.55 -5.46 21.64
CA THR H 73 30.06 -4.39 22.51
C THR H 73 28.54 -4.47 22.67
N ILE H 74 28.09 -4.56 23.92
CA ILE H 74 26.67 -4.66 24.26
C ILE H 74 26.20 -3.33 24.86
N GLU H 75 25.33 -2.65 24.12
CA GLU H 75 24.71 -1.40 24.56
C GLU H 75 23.38 -1.70 25.22
N LEU H 76 23.13 -1.12 26.38
CA LEU H 76 21.92 -1.46 27.13
C LEU H 76 20.79 -0.47 26.92
N MET H 77 19.62 -1.06 26.70
CA MET H 77 18.38 -0.33 26.61
C MET H 77 18.09 0.25 27.99
N GLU H 78 18.10 -0.62 29.00
CA GLU H 78 18.08 -0.18 30.40
C GLU H 78 19.40 -0.53 31.11
N PRO H 79 20.14 0.51 31.57
CA PRO H 79 21.40 0.32 32.30
C PRO H 79 21.29 -0.74 33.40
N LEU H 80 22.40 -1.44 33.64
CA LEU H 80 22.44 -2.52 34.62
C LEU H 80 21.95 -2.13 36.01
N ASP H 81 21.12 -2.99 36.59
CA ASP H 81 20.68 -2.85 37.98
C ASP H 81 21.73 -3.37 38.95
N GLU H 82 22.55 -4.31 38.49
CA GLU H 82 23.59 -4.94 39.32
C GLU H 82 24.79 -5.42 38.49
N GLU H 83 25.87 -5.76 39.18
CA GLU H 83 27.06 -6.33 38.56
C GLU H 83 26.78 -7.73 38.01
N ILE H 84 27.15 -7.94 36.75
CA ILE H 84 27.00 -9.24 36.11
C ILE H 84 28.39 -9.82 35.89
N SER H 85 28.43 -11.14 35.70
CA SER H 85 29.68 -11.87 35.69
C SER H 85 29.56 -13.14 34.86
N GLY H 86 30.71 -13.67 34.43
CA GLY H 86 30.81 -15.01 33.86
C GLY H 86 30.29 -15.12 32.44
N ILE H 87 29.52 -16.17 32.17
CA ILE H 87 28.91 -16.37 30.86
C ILE H 87 27.54 -15.72 30.81
N VAL H 88 27.36 -14.85 29.82
CA VAL H 88 26.13 -14.08 29.65
C VAL H 88 25.58 -14.30 28.24
N GLU H 89 24.27 -14.51 28.16
CA GLU H 89 23.58 -14.61 26.89
C GLU H 89 22.74 -13.36 26.67
N VAL H 90 23.05 -12.65 25.59
CA VAL H 90 22.46 -11.34 25.29
C VAL H 90 21.52 -11.50 24.09
N VAL H 91 20.30 -10.97 24.21
CA VAL H 91 19.41 -10.87 23.07
C VAL H 91 19.33 -9.40 22.69
N GLY H 92 19.53 -9.10 21.41
CA GLY H 92 19.40 -7.72 20.94
C GLY H 92 19.37 -7.57 19.44
N ARG H 93 19.43 -6.34 18.96
CA ARG H 93 19.50 -6.07 17.54
C ARG H 93 20.89 -5.48 17.24
N VAL H 94 21.53 -5.99 16.19
CA VAL H 94 22.83 -5.43 15.78
C VAL H 94 22.61 -3.99 15.27
N THR H 95 23.37 -3.06 15.82
CA THR H 95 23.24 -1.65 15.44
C THR H 95 24.09 -1.37 14.18
N ALA H 96 23.95 -0.16 13.65
CA ALA H 96 24.75 0.30 12.49
C ALA H 96 26.25 0.21 12.73
N LYS H 97 26.68 0.35 13.99
CA LYS H 97 28.10 0.29 14.34
C LYS H 97 28.61 -1.12 14.70
N ALA H 98 27.84 -2.15 14.35
CA ALA H 98 28.13 -3.53 14.70
C ALA H 98 28.32 -3.77 16.19
N THR H 99 27.55 -3.04 17.00
CA THR H 99 27.39 -3.39 18.42
C THR H 99 26.01 -4.02 18.53
N ILE H 100 25.63 -4.48 19.73
CA ILE H 100 24.31 -5.04 19.96
C ILE H 100 23.54 -4.15 20.91
N LEU H 101 22.36 -3.69 20.49
CA LEU H 101 21.46 -2.99 21.40
C LEU H 101 20.62 -4.04 22.16
N CYS H 102 21.00 -4.25 23.41
CA CYS H 102 20.53 -5.41 24.16
C CYS H 102 19.18 -5.14 24.77
N THR H 103 18.23 -6.04 24.51
CA THR H 103 16.91 -5.89 25.14
C THR H 103 16.67 -6.87 26.29
N SER H 104 17.42 -7.98 26.34
CA SER H 104 17.44 -8.86 27.52
C SER H 104 18.73 -9.66 27.59
N TYR H 105 19.06 -10.17 28.77
CA TYR H 105 20.22 -11.02 28.96
C TYR H 105 19.98 -12.04 30.08
N VAL H 106 20.73 -13.14 30.04
CA VAL H 106 20.69 -14.19 31.07
C VAL H 106 22.14 -14.53 31.39
N GLN H 107 22.48 -14.56 32.68
CA GLN H 107 23.77 -15.09 33.11
C GLN H 107 23.60 -16.60 33.24
N PHE H 108 24.49 -17.36 32.60
CA PHE H 108 24.47 -18.82 32.67
C PHE H 108 25.01 -19.29 34.03
N LYS H 109 24.26 -20.17 34.70
CA LYS H 109 24.72 -20.82 35.95
C LYS H 109 25.89 -21.77 35.64
N GLU H 110 27.00 -21.51 36.30
CA GLU H 110 28.22 -22.24 36.08
C GLU H 110 28.72 -22.88 37.37
N ASP H 111 27.85 -23.59 38.09
CA ASP H 111 28.06 -23.90 39.50
C ASP H 111 29.25 -24.78 39.83
N SER H 112 29.05 -26.05 40.11
CA SER H 112 28.65 -27.08 39.17
C SER H 112 29.62 -27.35 38.05
N HIS H 113 29.37 -26.74 36.92
CA HIS H 113 29.98 -27.12 35.69
C HIS H 113 30.32 -25.90 34.88
N PRO H 114 31.59 -25.64 34.69
CA PRO H 114 31.96 -24.48 33.88
C PRO H 114 31.49 -24.67 32.45
N PHE H 115 30.95 -23.59 31.87
CA PHE H 115 30.48 -23.58 30.49
C PHE H 115 31.66 -23.57 29.52
N ASP H 116 31.65 -24.52 28.58
CA ASP H 116 32.64 -24.59 27.52
C ASP H 116 32.23 -23.67 26.38
N LEU H 117 32.79 -22.47 26.39
CA LEU H 117 32.45 -21.44 25.41
C LEU H 117 33.09 -21.72 24.06
N GLY H 118 34.20 -22.45 24.07
CA GLY H 118 34.85 -22.85 22.82
C GLY H 118 34.03 -23.88 22.04
N LEU H 119 33.39 -24.78 22.79
CA LEU H 119 32.49 -25.78 22.21
C LEU H 119 31.21 -25.09 21.69
N TYR H 120 30.68 -24.17 22.48
CA TYR H 120 29.54 -23.34 22.05
C TYR H 120 29.83 -22.67 20.72
N ASN H 121 31.04 -22.11 20.59
CA ASN H 121 31.43 -21.45 19.36
C ASN H 121 31.39 -22.37 18.15
N GLU H 122 31.86 -23.60 18.34
CA GLU H 122 31.79 -24.62 17.29
C GLU H 122 30.33 -24.94 16.92
N ALA H 123 29.45 -25.04 17.91
CA ALA H 123 27.99 -25.15 17.66
C ALA H 123 27.44 -24.01 16.83
N VAL H 124 27.86 -22.78 17.12
CA VAL H 124 27.49 -21.60 16.32
C VAL H 124 27.94 -21.73 14.86
N LYS H 125 29.17 -22.21 14.67
CA LYS H 125 29.70 -22.40 13.31
C LYS H 125 28.86 -23.45 12.54
N ILE H 126 28.46 -24.51 13.24
CA ILE H 126 27.64 -25.59 12.66
C ILE H 126 26.19 -25.14 12.31
N ILE H 127 25.56 -24.40 13.21
CA ILE H 127 24.26 -23.76 12.96
C ILE H 127 24.28 -23.02 11.62
N HIS H 128 25.33 -22.24 11.41
CA HIS H 128 25.41 -21.41 10.21
C HIS H 128 25.88 -22.16 8.96
N ASP H 129 26.53 -23.31 9.16
CA ASP H 129 26.92 -24.15 8.03
C ASP H 129 25.77 -25.04 7.58
N PHE H 130 24.83 -25.31 8.49
CA PHE H 130 23.72 -26.21 8.18
C PHE H 130 22.34 -25.62 8.53
N PRO H 131 21.94 -24.50 7.88
CA PRO H 131 20.65 -23.89 8.23
C PRO H 131 19.45 -24.82 7.96
N GLN H 132 19.62 -25.78 7.05
CA GLN H 132 18.57 -26.76 6.75
C GLN H 132 18.24 -27.66 7.96
N PHE H 133 19.18 -27.80 8.89
CA PHE H 133 19.00 -28.67 10.05
C PHE H 133 18.85 -27.89 11.36
N TYR H 134 18.88 -26.56 11.25
CA TYR H 134 18.65 -25.67 12.39
C TYR H 134 17.99 -24.40 11.83
N PRO H 135 16.69 -24.47 11.45
CA PRO H 135 16.07 -23.33 10.78
C PRO H 135 15.95 -22.06 11.63
N LEU H 136 16.15 -20.92 10.98
CA LEU H 136 15.82 -19.63 11.57
C LEU H 136 14.38 -19.32 11.16
N GLY H 137 13.45 -19.50 12.12
CA GLY H 137 12.01 -19.29 11.90
C GLY H 137 11.37 -20.33 10.99
N ILE H 138 10.14 -20.03 10.55
CA ILE H 138 9.33 -20.95 9.73
C ILE H 138 9.84 -21.05 8.28
N VAL H 139 9.75 -22.26 7.72
CA VAL H 139 10.07 -22.56 6.31
C VAL H 139 9.56 -21.53 5.30
C1 DIO I . 3.10 19.26 4.44
C2 DIO I . 3.70 17.67 6.10
C1' DIO I . 4.53 19.76 4.36
C2' DIO I . 5.13 18.19 6.08
O1 DIO I . 3.09 17.89 4.83
O1' DIO I . 5.22 19.53 5.59
C1 DIO J . 11.99 29.77 -28.26
C2 DIO J . 11.78 28.98 -30.52
C1' DIO J . 12.96 28.62 -27.98
C2' DIO J . 12.76 27.83 -30.24
O1 DIO J . 11.11 29.38 -29.32
O1' DIO J . 13.64 28.19 -29.17
C1 DIO K . -37.62 -3.41 -2.55
C2 DIO K . -37.26 -2.12 -0.57
C1' DIO K . -36.16 -3.19 -2.97
C2' DIO K . -35.88 -1.71 -1.10
O1 DIO K . -38.10 -2.36 -1.70
O1' DIO K . -35.36 -2.81 -1.85
C1 DIO L . 20.61 -19.95 33.13
C2 DIO L . 21.06 -22.20 33.86
C1' DIO L . 19.20 -20.07 33.73
C2' DIO L . 19.62 -22.35 34.34
O1 DIO L . 21.50 -20.83 33.83
O1' DIO L . 18.77 -21.43 33.65
#